data_5G5K
#
_entry.id   5G5K
#
_cell.length_a   65.224
_cell.length_b   67.607
_cell.length_c   74.064
_cell.angle_alpha   90.00
_cell.angle_beta   97.83
_cell.angle_gamma   90.00
#
_symmetry.space_group_name_H-M   'P 1 21 1'
#
loop_
_entity.id
_entity.type
_entity.pdbx_description
1 polymer BETA-HEXOSAMINIDASE
2 non-polymer 2-ACETAMIDO-1,2-DIDEOXYNOJIRMYCIN
3 water water
#
_entity_poly.entity_id   1
_entity_poly.type   'polypeptide(L)'
_entity_poly.pdbx_seq_one_letter_code
;MGSSHHHHHHSSGLVPRGSHMQGSLMLDIGGTWLTAEDRQILRHPEVGGLIIFARNIEHPAQVRELCAAIRAIRPDLLLA
VDQEGGRVQRLRQGFVRLPAMRAIADNPNAEELAEHCGWLMATEVQAVGLDLSFAPVLDLDHQRSAVVGSRAFEGDPERA
ALLAGAFIRGMHAAGMAATGKHFPGHGWAEADSHVAIPEDARSLEEIRRSDLVPFARLAGQLDALMPAHVIYPQVDPQPA
GFSRRWLQEILRGELKFDGVIFSDDLSMAGAHVVGDAASRIEAALAAGCDMGLVCNDRASAELALAALQRLKVTPPSRLQ
RMRGKGYANTDYRQQPRWLEALSALRAAQLID
;
_entity_poly.pdbx_strand_id   A,B
#
loop_
_chem_comp.id
_chem_comp.type
_chem_comp.name
_chem_comp.formula
NOK non-polymer 2-ACETAMIDO-1,2-DIDEOXYNOJIRMYCIN 'C8 H16 N2 O4'
#
# COMPACT_ATOMS: atom_id res chain seq x y z
N HIS A 20 -41.24 -4.35 10.21
CA HIS A 20 -41.28 -5.80 10.13
C HIS A 20 -39.92 -6.39 9.85
N MET A 21 -39.07 -5.64 9.14
CA MET A 21 -37.71 -6.04 8.86
C MET A 21 -36.73 -5.19 9.67
N GLN A 22 -35.51 -5.70 9.78
CA GLN A 22 -34.45 -5.04 10.53
C GLN A 22 -33.27 -4.76 9.62
N GLY A 23 -32.51 -3.75 9.96
CA GLY A 23 -31.33 -3.38 9.19
C GLY A 23 -30.74 -2.09 9.72
N SER A 24 -29.58 -1.74 9.17
CA SER A 24 -28.88 -0.53 9.56
C SER A 24 -27.94 -0.14 8.42
N LEU A 25 -27.16 0.92 8.64
CA LEU A 25 -26.28 1.45 7.62
C LEU A 25 -24.98 1.94 8.25
N MET A 26 -23.86 1.69 7.57
CA MET A 26 -22.54 2.13 8.02
C MET A 26 -22.00 3.15 7.02
N LEU A 27 -21.76 4.38 7.49
CA LEU A 27 -21.42 5.48 6.62
C LEU A 27 -19.91 5.59 6.43
N ASP A 28 -19.48 6.71 5.86
CA ASP A 28 -18.07 6.97 5.60
C ASP A 28 -17.87 8.48 5.43
N ILE A 29 -16.82 9.00 6.04
CA ILE A 29 -16.48 10.41 5.94
C ILE A 29 -15.15 10.55 5.20
N GLY A 30 -15.02 11.65 4.46
CA GLY A 30 -13.81 11.87 3.70
C GLY A 30 -13.04 13.09 4.15
N GLY A 31 -12.85 13.24 5.46
CA GLY A 31 -12.13 14.38 5.99
C GLY A 31 -11.55 14.07 7.34
N THR A 32 -10.69 14.99 7.80
CA THR A 32 -10.06 14.84 9.11
C THR A 32 -11.07 15.06 10.24
N TRP A 33 -11.91 16.08 10.10
CA TRP A 33 -12.97 16.38 11.05
C TRP A 33 -14.32 16.28 10.35
N LEU A 34 -15.39 16.46 11.13
CA LEU A 34 -16.75 16.27 10.62
C LEU A 34 -17.24 17.54 9.93
N THR A 35 -17.79 17.36 8.72
CA THR A 35 -18.49 18.44 8.04
C THR A 35 -19.90 18.56 8.59
N ALA A 36 -20.46 19.77 8.50
CA ALA A 36 -21.83 19.97 8.96
C ALA A 36 -22.81 19.03 8.28
N GLU A 37 -22.54 18.66 7.03
CA GLU A 37 -23.37 17.68 6.35
C GLU A 37 -23.24 16.30 6.99
N ASP A 38 -22.03 15.94 7.41
CA ASP A 38 -21.83 14.65 8.07
C ASP A 38 -22.57 14.60 9.40
N ARG A 39 -22.63 15.71 10.12
CA ARG A 39 -23.35 15.73 11.39
C ARG A 39 -24.84 15.52 11.17
N GLN A 40 -25.41 16.12 10.12
CA GLN A 40 -26.84 16.04 9.91
C GLN A 40 -27.27 14.67 9.40
N ILE A 41 -26.38 13.94 8.72
CA ILE A 41 -26.74 12.61 8.25
C ILE A 41 -26.47 11.56 9.32
N LEU A 42 -25.61 11.85 10.30
CA LEU A 42 -25.41 10.92 11.40
C LEU A 42 -26.68 10.74 12.21
N ARG A 43 -27.33 11.85 12.56
CA ARG A 43 -28.44 11.82 13.50
C ARG A 43 -29.57 10.88 13.06
N HIS A 44 -29.62 10.50 11.80
CA HIS A 44 -30.66 9.57 11.35
C HIS A 44 -30.48 8.23 12.04
N PRO A 45 -31.55 7.62 12.57
CA PRO A 45 -31.38 6.36 13.31
C PRO A 45 -30.93 5.21 12.44
N GLU A 46 -31.21 5.25 11.13
CA GLU A 46 -30.87 4.14 10.25
C GLU A 46 -29.36 3.95 10.14
N VAL A 47 -28.58 5.00 10.37
CA VAL A 47 -27.13 4.88 10.40
C VAL A 47 -26.71 4.26 11.72
N GLY A 48 -25.93 3.19 11.65
CA GLY A 48 -25.50 2.48 12.84
C GLY A 48 -24.00 2.35 12.98
N GLY A 49 -23.25 2.85 12.00
CA GLY A 49 -21.81 2.69 12.06
C GLY A 49 -21.06 3.68 11.18
N LEU A 50 -19.74 3.65 11.31
CA LEU A 50 -18.85 4.50 10.54
C LEU A 50 -17.53 3.77 10.31
N ILE A 51 -17.06 3.76 9.06
CA ILE A 51 -15.77 3.18 8.69
C ILE A 51 -14.78 4.31 8.45
N ILE A 52 -13.56 4.15 8.93
CA ILE A 52 -12.50 5.12 8.72
C ILE A 52 -11.47 4.54 7.77
N PHE A 53 -10.83 5.42 7.00
CA PHE A 53 -9.78 5.00 6.08
C PHE A 53 -8.55 5.85 6.27
N ALA A 54 -7.61 5.80 5.32
CA ALA A 54 -6.38 6.56 5.45
C ALA A 54 -6.64 8.06 5.44
N ARG A 55 -7.62 8.53 4.67
CA ARG A 55 -7.88 9.94 4.56
C ARG A 55 -8.48 10.54 5.82
N ASN A 56 -8.91 9.71 6.77
CA ASN A 56 -9.51 10.18 8.02
C ASN A 56 -8.54 10.14 9.20
N ILE A 57 -7.29 9.73 8.97
CA ILE A 57 -6.33 9.48 10.04
C ILE A 57 -5.16 10.44 9.89
N GLU A 58 -4.80 11.10 10.98
CA GLU A 58 -3.59 11.91 11.04
C GLU A 58 -2.68 11.41 12.16
N HIS A 59 -3.08 11.53 13.41
CA HIS A 59 -2.31 11.11 14.57
C HIS A 59 -3.26 10.45 15.55
N PRO A 60 -2.74 9.64 16.49
CA PRO A 60 -3.63 8.96 17.43
C PRO A 60 -4.59 9.87 18.16
N ALA A 61 -4.09 10.94 18.79
CA ALA A 61 -4.96 11.86 19.50
C ALA A 61 -5.99 12.51 18.58
N GLN A 62 -5.64 12.68 17.30
CA GLN A 62 -6.59 13.21 16.34
C GLN A 62 -7.75 12.24 16.13
N VAL A 63 -7.45 10.94 16.07
CA VAL A 63 -8.50 9.96 15.89
C VAL A 63 -9.33 9.82 17.16
N ARG A 64 -8.73 10.04 18.32
CA ARG A 64 -9.47 9.93 19.57
C ARG A 64 -10.51 11.04 19.70
N GLU A 65 -10.13 12.28 19.34
CA GLU A 65 -11.09 13.37 19.38
C GLU A 65 -12.10 13.27 18.24
N LEU A 66 -11.72 12.67 17.11
CA LEU A 66 -12.68 12.43 16.04
C LEU A 66 -13.77 11.45 16.48
N CYS A 67 -13.38 10.38 17.18
CA CYS A 67 -14.35 9.44 17.72
C CYS A 67 -15.26 10.12 18.73
N ALA A 68 -14.66 10.82 19.70
CA ALA A 68 -15.44 11.50 20.73
C ALA A 68 -16.35 12.56 20.12
N ALA A 69 -15.94 13.17 19.00
CA ALA A 69 -16.81 14.12 18.31
C ALA A 69 -18.02 13.42 17.70
N ILE A 70 -17.85 12.18 17.25
CA ILE A 70 -18.99 11.42 16.75
C ILE A 70 -19.86 10.94 17.90
N ARG A 71 -19.24 10.54 19.01
CA ARG A 71 -20.01 10.10 20.16
C ARG A 71 -20.77 11.26 20.80
N ALA A 72 -20.33 12.50 20.56
CA ALA A 72 -21.08 13.66 21.02
C ALA A 72 -22.41 13.80 20.29
N ILE A 73 -22.55 13.18 19.13
CA ILE A 73 -23.78 13.19 18.36
C ILE A 73 -24.59 11.93 18.59
N ARG A 74 -23.96 10.77 18.47
CA ARG A 74 -24.63 9.48 18.67
C ARG A 74 -23.73 8.55 19.47
N PRO A 75 -23.92 8.43 20.78
CA PRO A 75 -23.13 7.47 21.57
C PRO A 75 -23.50 6.02 21.32
N ASP A 76 -24.51 5.76 20.49
CA ASP A 76 -24.95 4.41 20.16
C ASP A 76 -24.34 3.88 18.87
N LEU A 77 -23.57 4.70 18.17
CA LEU A 77 -22.92 4.25 16.94
C LEU A 77 -21.75 3.33 17.25
N LEU A 78 -21.35 2.55 16.26
CA LEU A 78 -20.19 1.68 16.36
C LEU A 78 -19.20 2.03 15.25
N LEU A 79 -17.94 2.22 15.62
CA LEU A 79 -16.91 2.67 14.70
C LEU A 79 -15.93 1.52 14.43
N ALA A 80 -15.65 1.27 13.16
CA ALA A 80 -14.78 0.19 12.75
C ALA A 80 -13.63 0.72 11.90
N VAL A 81 -12.56 -0.08 11.84
CA VAL A 81 -11.37 0.26 11.06
C VAL A 81 -10.94 -0.97 10.29
N ASP A 82 -10.29 -0.73 9.14
CA ASP A 82 -9.74 -1.81 8.32
C ASP A 82 -8.29 -2.05 8.74
N GLN A 83 -8.13 -2.82 9.82
CA GLN A 83 -6.82 -3.03 10.45
C GLN A 83 -6.63 -4.50 10.79
N GLU A 84 -5.93 -5.23 9.90
CA GLU A 84 -5.43 -6.55 10.22
C GLU A 84 -3.90 -6.61 10.22
N GLY A 85 -3.24 -5.53 9.82
CA GLY A 85 -1.80 -5.44 9.94
C GLY A 85 -0.99 -5.95 8.77
N GLY A 86 -1.61 -6.16 7.62
CA GLY A 86 -0.86 -6.65 6.47
C GLY A 86 -0.64 -5.59 5.41
N ARG A 87 -1.05 -5.90 4.18
CA ARG A 87 -0.98 -4.94 3.09
C ARG A 87 -1.77 -3.68 3.43
N VAL A 88 -2.90 -3.83 4.11
CA VAL A 88 -3.79 -2.72 4.43
C VAL A 88 -3.88 -2.60 5.95
N GLN A 89 -3.25 -1.56 6.50
CA GLN A 89 -3.34 -1.21 7.91
C GLN A 89 -3.53 0.30 7.99
N ARG A 90 -4.72 0.74 8.40
CA ARG A 90 -5.04 2.17 8.33
C ARG A 90 -4.30 2.95 9.41
N LEU A 91 -4.24 2.43 10.63
CA LEU A 91 -3.59 3.13 11.74
C LEU A 91 -2.09 2.86 11.66
N ARG A 92 -1.31 3.92 11.41
CA ARG A 92 0.13 3.77 11.19
C ARG A 92 0.93 4.42 12.31
N GLN A 93 1.11 5.74 12.24
CA GLN A 93 1.96 6.43 13.20
C GLN A 93 1.38 6.32 14.60
N GLY A 94 2.22 5.89 15.55
CA GLY A 94 1.80 5.61 16.90
C GLY A 94 1.28 4.21 17.12
N PHE A 95 1.40 3.33 16.14
CA PHE A 95 0.90 1.96 16.23
C PHE A 95 1.96 1.00 15.72
N VAL A 96 2.03 -0.17 16.32
CA VAL A 96 3.03 -1.16 15.93
C VAL A 96 2.73 -1.69 14.54
N ARG A 97 3.77 -1.80 13.72
CA ARG A 97 3.64 -2.48 12.43
C ARG A 97 3.29 -3.95 12.64
N LEU A 98 2.01 -4.27 12.66
CA LEU A 98 1.61 -5.66 12.77
C LEU A 98 2.11 -6.44 11.55
N PRO A 99 2.34 -7.73 11.70
CA PRO A 99 2.78 -8.54 10.56
C PRO A 99 1.59 -8.98 9.71
N ALA A 100 1.90 -9.65 8.61
CA ALA A 100 0.88 -10.26 7.76
C ALA A 100 0.53 -11.66 8.28
N MET A 101 -0.67 -12.11 7.92
CA MET A 101 -1.13 -13.41 8.39
C MET A 101 -0.31 -14.54 7.80
N ARG A 102 0.19 -14.38 6.58
CA ARG A 102 1.06 -15.37 5.97
C ARG A 102 2.45 -15.36 6.60
N ALA A 103 2.89 -14.24 7.17
CA ALA A 103 4.18 -14.16 7.83
C ALA A 103 4.20 -14.91 9.16
N ILE A 104 3.02 -15.31 9.67
CA ILE A 104 2.95 -16.06 10.92
C ILE A 104 2.87 -17.56 10.68
N ALA A 105 2.61 -18.00 9.44
CA ALA A 105 2.41 -19.43 9.19
C ALA A 105 3.74 -20.20 9.29
N ASP A 106 4.82 -19.66 8.73
CA ASP A 106 6.08 -20.41 8.71
C ASP A 106 6.66 -20.59 10.10
N ASN A 107 6.42 -19.63 11.00
CA ASN A 107 6.99 -19.69 12.33
C ASN A 107 6.48 -20.93 13.07
N PRO A 108 7.31 -21.52 13.95
CA PRO A 108 6.93 -22.79 14.59
C PRO A 108 5.72 -22.68 15.50
N ASN A 109 5.68 -21.67 16.36
CA ASN A 109 4.58 -21.50 17.31
C ASN A 109 3.61 -20.45 16.79
N ALA A 110 2.86 -20.84 15.75
CA ALA A 110 1.93 -19.91 15.13
C ALA A 110 0.67 -19.73 15.98
N GLU A 111 0.31 -20.74 16.78
CA GLU A 111 -0.90 -20.64 17.60
C GLU A 111 -0.73 -19.65 18.74
N GLU A 112 0.50 -19.38 19.18
CA GLU A 112 0.75 -18.40 20.23
C GLU A 112 0.97 -17.01 19.65
N LEU A 113 1.65 -16.91 18.51
CA LEU A 113 1.82 -15.61 17.86
C LEU A 113 0.49 -15.04 17.38
N ALA A 114 -0.48 -15.91 17.07
CA ALA A 114 -1.79 -15.41 16.65
C ALA A 114 -2.53 -14.75 17.80
N GLU A 115 -2.50 -15.37 18.98
CA GLU A 115 -3.15 -14.78 20.15
C GLU A 115 -2.50 -13.45 20.52
N HIS A 116 -1.16 -13.38 20.46
CA HIS A 116 -0.47 -12.15 20.79
C HIS A 116 -0.71 -11.08 19.74
N CYS A 117 -0.84 -11.49 18.47
CA CYS A 117 -1.06 -10.52 17.41
C CYS A 117 -2.48 -9.98 17.45
N GLY A 118 -3.46 -10.86 17.69
CA GLY A 118 -4.84 -10.40 17.79
C GLY A 118 -5.06 -9.49 18.98
N TRP A 119 -4.52 -9.86 20.14
CA TRP A 119 -4.70 -9.04 21.34
C TRP A 119 -4.01 -7.69 21.19
N LEU A 120 -2.81 -7.69 20.62
CA LEU A 120 -2.03 -6.46 20.51
C LEU A 120 -2.75 -5.44 19.64
N MET A 121 -3.19 -5.86 18.44
CA MET A 121 -3.82 -4.91 17.54
C MET A 121 -5.19 -4.47 18.06
N ALA A 122 -5.90 -5.35 18.76
CA ALA A 122 -7.24 -4.99 19.22
C ALA A 122 -7.18 -3.99 20.36
N THR A 123 -6.23 -4.16 21.29
CA THR A 123 -6.09 -3.20 22.37
C THR A 123 -5.58 -1.86 21.86
N GLU A 124 -4.72 -1.89 20.84
CA GLU A 124 -4.15 -0.65 20.33
C GLU A 124 -5.20 0.19 19.60
N VAL A 125 -6.14 -0.44 18.91
CA VAL A 125 -7.16 0.32 18.20
C VAL A 125 -8.31 0.69 19.13
N GLN A 126 -8.62 -0.16 20.10
CA GLN A 126 -9.68 0.18 21.06
C GLN A 126 -9.27 1.34 21.95
N ALA A 127 -7.99 1.42 22.30
CA ALA A 127 -7.53 2.54 23.12
C ALA A 127 -7.61 3.87 22.38
N VAL A 128 -7.75 3.85 21.06
CA VAL A 128 -7.93 5.08 20.31
C VAL A 128 -9.39 5.52 20.32
N GLY A 129 -10.33 4.57 20.27
CA GLY A 129 -11.73 4.91 20.37
C GLY A 129 -12.63 4.05 19.52
N LEU A 130 -12.04 3.31 18.59
CA LEU A 130 -12.81 2.45 17.71
C LEU A 130 -13.37 1.25 18.50
N ASP A 131 -14.40 0.64 17.93
CA ASP A 131 -15.06 -0.50 18.58
C ASP A 131 -14.48 -1.83 18.10
N LEU A 132 -14.52 -2.08 16.80
CA LEU A 132 -14.06 -3.33 16.24
C LEU A 132 -13.16 -3.06 15.05
N SER A 133 -12.56 -4.14 14.54
CA SER A 133 -11.75 -4.09 13.34
C SER A 133 -12.04 -5.33 12.52
N PHE A 134 -12.27 -5.13 11.22
CA PHE A 134 -12.61 -6.22 10.30
C PHE A 134 -11.41 -7.16 10.16
N ALA A 135 -11.28 -8.06 11.12
CA ALA A 135 -10.15 -8.99 11.17
C ALA A 135 -10.50 -10.16 12.10
N PRO A 136 -9.91 -11.34 11.84
CA PRO A 136 -9.01 -11.63 10.72
C PRO A 136 -9.76 -12.08 9.47
N VAL A 137 -9.02 -12.40 8.42
CA VAL A 137 -9.57 -12.97 7.19
C VAL A 137 -9.44 -14.48 7.24
N LEU A 138 -10.52 -15.18 6.88
CA LEU A 138 -10.57 -16.63 6.96
C LEU A 138 -10.36 -17.29 5.59
N ASP A 139 -10.02 -16.52 4.56
CA ASP A 139 -9.78 -17.09 3.25
C ASP A 139 -8.50 -17.92 3.24
N LEU A 140 -8.40 -18.80 2.25
CA LEU A 140 -7.27 -19.69 2.08
C LEU A 140 -6.40 -19.24 0.92
N ASP A 141 -5.08 -19.35 1.08
CA ASP A 141 -4.14 -18.85 0.09
C ASP A 141 -3.90 -19.93 -0.97
N HIS A 142 -4.80 -19.98 -1.94
CA HIS A 142 -4.65 -20.87 -3.07
C HIS A 142 -3.76 -20.30 -4.17
N GLN A 143 -3.12 -19.15 -3.93
CA GLN A 143 -2.34 -18.45 -4.94
C GLN A 143 -3.15 -18.16 -6.20
N ARG A 144 -4.47 -18.03 -6.04
CA ARG A 144 -5.37 -17.77 -7.15
C ARG A 144 -5.93 -16.35 -7.16
N SER A 145 -6.26 -15.80 -5.99
CA SER A 145 -6.83 -14.46 -5.91
C SER A 145 -5.74 -13.44 -5.66
N ALA A 146 -5.86 -12.28 -6.33
CA ALA A 146 -4.87 -11.23 -6.20
C ALA A 146 -5.13 -10.31 -5.01
N VAL A 147 -6.28 -10.43 -4.35
CA VAL A 147 -6.58 -9.55 -3.23
C VAL A 147 -6.12 -10.13 -1.90
N VAL A 148 -6.18 -11.45 -1.73
CA VAL A 148 -5.80 -12.09 -0.48
C VAL A 148 -4.42 -12.74 -0.61
N GLY A 149 -3.46 -11.99 -1.15
CA GLY A 149 -2.12 -12.51 -1.32
C GLY A 149 -1.48 -12.94 -0.03
N SER A 150 -1.13 -11.97 0.82
CA SER A 150 -0.56 -12.24 2.13
C SER A 150 -1.58 -12.16 3.25
N ARG A 151 -2.85 -11.91 2.92
CA ARG A 151 -3.88 -11.81 3.96
C ARG A 151 -4.32 -13.18 4.46
N ALA A 152 -4.44 -14.15 3.55
CA ALA A 152 -4.82 -15.49 3.96
C ALA A 152 -3.75 -16.10 4.87
N PHE A 153 -4.20 -16.87 5.85
CA PHE A 153 -3.28 -17.47 6.82
C PHE A 153 -2.37 -18.50 6.17
N GLU A 154 -2.96 -19.56 5.62
CA GLU A 154 -2.20 -20.63 4.98
C GLU A 154 -3.08 -21.30 3.94
N GLY A 155 -2.56 -22.36 3.33
CA GLY A 155 -3.28 -23.08 2.30
C GLY A 155 -4.13 -24.21 2.85
N ASP A 156 -3.66 -24.86 3.91
CA ASP A 156 -4.43 -25.93 4.52
C ASP A 156 -5.63 -25.35 5.26
N PRO A 157 -6.82 -25.96 5.11
CA PRO A 157 -8.00 -25.39 5.79
C PRO A 157 -7.95 -25.51 7.29
N GLU A 158 -7.54 -26.67 7.83
CA GLU A 158 -7.52 -26.84 9.28
C GLU A 158 -6.41 -26.01 9.92
N ARG A 159 -5.28 -25.86 9.23
CA ARG A 159 -4.21 -25.01 9.75
C ARG A 159 -4.67 -23.57 9.90
N ALA A 160 -5.39 -23.05 8.91
CA ALA A 160 -5.88 -21.68 8.99
C ALA A 160 -7.02 -21.53 9.99
N ALA A 161 -7.83 -22.60 10.18
CA ALA A 161 -8.93 -22.52 11.13
C ALA A 161 -8.42 -22.48 12.56
N LEU A 162 -7.34 -23.22 12.86
CA LEU A 162 -6.76 -23.17 14.19
C LEU A 162 -6.04 -21.85 14.43
N LEU A 163 -5.33 -21.35 13.42
CA LEU A 163 -4.63 -20.07 13.57
C LEU A 163 -5.60 -18.92 13.74
N ALA A 164 -6.67 -18.89 12.95
CA ALA A 164 -7.65 -17.80 13.08
C ALA A 164 -8.38 -17.89 14.42
N GLY A 165 -8.65 -19.11 14.91
CA GLY A 165 -9.27 -19.27 16.20
C GLY A 165 -8.41 -18.76 17.34
N ALA A 166 -7.08 -18.85 17.18
CA ALA A 166 -6.17 -18.29 18.17
C ALA A 166 -6.07 -16.77 18.05
N PHE A 167 -6.12 -16.26 16.82
CA PHE A 167 -6.13 -14.82 16.62
C PHE A 167 -7.40 -14.20 17.20
N ILE A 168 -8.55 -14.78 16.90
CA ILE A 168 -9.81 -14.34 17.48
C ILE A 168 -9.76 -14.47 19.00
N ARG A 169 -9.12 -15.53 19.50
CA ARG A 169 -8.97 -15.69 20.94
C ARG A 169 -8.23 -14.53 21.58
N GLY A 170 -7.28 -13.93 20.85
CA GLY A 170 -6.57 -12.78 21.39
C GLY A 170 -7.42 -11.52 21.40
N MET A 171 -8.21 -11.33 20.33
CA MET A 171 -9.11 -10.18 20.27
C MET A 171 -10.17 -10.26 21.36
N HIS A 172 -10.73 -11.46 21.59
CA HIS A 172 -11.72 -11.61 22.65
C HIS A 172 -11.11 -11.33 24.02
N ALA A 173 -9.85 -11.77 24.23
CA ALA A 173 -9.15 -11.42 25.46
C ALA A 173 -8.93 -9.93 25.56
N ALA A 174 -8.86 -9.24 24.43
CA ALA A 174 -8.69 -7.78 24.42
C ALA A 174 -10.02 -7.05 24.58
N GLY A 175 -11.13 -7.73 24.31
CA GLY A 175 -12.44 -7.13 24.44
C GLY A 175 -13.09 -6.72 23.15
N MET A 176 -12.60 -7.19 22.00
CA MET A 176 -13.13 -6.80 20.69
C MET A 176 -13.80 -7.99 20.02
N ALA A 177 -14.96 -7.74 19.42
CA ALA A 177 -15.63 -8.76 18.62
C ALA A 177 -14.94 -8.93 17.28
N ALA A 178 -14.73 -10.18 16.88
CA ALA A 178 -14.04 -10.49 15.64
C ALA A 178 -15.02 -10.61 14.48
N THR A 179 -14.56 -10.21 13.30
CA THR A 179 -15.36 -10.27 12.08
C THR A 179 -14.66 -11.17 11.07
N GLY A 180 -15.41 -12.09 10.47
CA GLY A 180 -14.85 -13.05 9.54
C GLY A 180 -14.98 -12.59 8.10
N LYS A 181 -13.89 -12.73 7.35
CA LYS A 181 -13.85 -12.36 5.94
C LYS A 181 -13.10 -13.41 5.13
N HIS A 182 -13.61 -13.77 3.95
CA HIS A 182 -14.89 -13.30 3.45
C HIS A 182 -15.73 -14.52 3.10
N PHE A 183 -16.92 -14.59 3.67
CA PHE A 183 -17.78 -15.76 3.47
C PHE A 183 -18.24 -15.84 2.01
N PRO A 184 -18.25 -17.07 1.45
CA PRO A 184 -17.78 -18.32 2.07
C PRO A 184 -16.34 -18.65 1.69
N GLY A 185 -15.67 -17.71 1.03
CA GLY A 185 -14.33 -17.94 0.53
C GLY A 185 -14.02 -17.03 -0.63
N HIS A 186 -12.82 -16.47 -0.65
CA HIS A 186 -12.43 -15.54 -1.69
C HIS A 186 -11.04 -15.82 -2.27
N GLY A 187 -10.32 -16.83 -1.74
CA GLY A 187 -8.97 -17.07 -2.19
C GLY A 187 -8.87 -17.78 -3.54
N TRP A 188 -9.91 -18.53 -3.90
CA TRP A 188 -9.90 -19.22 -5.18
C TRP A 188 -10.39 -18.34 -6.32
N ALA A 189 -11.27 -17.38 -6.03
CA ALA A 189 -11.78 -16.48 -7.05
C ALA A 189 -10.64 -15.69 -7.70
N GLU A 190 -10.32 -16.04 -8.95
CA GLU A 190 -9.17 -15.44 -9.62
C GLU A 190 -9.39 -13.95 -9.92
N ALA A 191 -10.63 -13.55 -10.13
CA ALA A 191 -10.94 -12.15 -10.46
C ALA A 191 -11.14 -11.33 -9.20
N ASP A 192 -10.69 -10.08 -9.26
CA ASP A 192 -10.85 -9.17 -8.13
C ASP A 192 -12.25 -8.56 -8.11
N SER A 193 -12.77 -8.34 -6.91
CA SER A 193 -14.10 -7.78 -6.73
C SER A 193 -14.10 -6.26 -6.59
N HIS A 194 -12.93 -5.63 -6.56
CA HIS A 194 -12.86 -4.18 -6.44
C HIS A 194 -13.18 -3.48 -7.76
N VAL A 195 -12.83 -4.09 -8.89
CA VAL A 195 -13.03 -3.47 -10.19
C VAL A 195 -13.77 -4.41 -11.13
N ALA A 196 -13.57 -5.71 -10.94
CA ALA A 196 -14.17 -6.72 -11.79
C ALA A 196 -15.23 -7.49 -11.00
N ILE A 197 -15.81 -8.50 -11.66
CA ILE A 197 -16.86 -9.32 -11.07
C ILE A 197 -16.35 -10.76 -10.93
N PRO A 198 -16.03 -11.20 -9.72
CA PRO A 198 -15.47 -12.55 -9.55
C PRO A 198 -16.53 -13.63 -9.70
N GLU A 199 -16.13 -14.72 -10.36
CA GLU A 199 -16.99 -15.88 -10.60
C GLU A 199 -16.25 -17.14 -10.19
N ASP A 200 -16.92 -18.00 -9.42
CA ASP A 200 -16.33 -19.24 -8.93
C ASP A 200 -17.30 -20.38 -9.24
N ALA A 201 -16.98 -21.19 -10.25
CA ALA A 201 -17.85 -22.27 -10.70
C ALA A 201 -17.52 -23.60 -10.02
N ARG A 202 -16.96 -23.56 -8.83
CA ARG A 202 -16.68 -24.80 -8.10
C ARG A 202 -17.98 -25.47 -7.65
N SER A 203 -17.91 -26.79 -7.51
CA SER A 203 -19.09 -27.56 -7.16
C SER A 203 -19.54 -27.25 -5.73
N LEU A 204 -20.73 -27.75 -5.38
CA LEU A 204 -21.29 -27.53 -4.07
C LEU A 204 -20.47 -28.23 -2.99
N GLU A 205 -20.23 -29.54 -3.18
CA GLU A 205 -19.61 -30.35 -2.15
C GLU A 205 -18.13 -30.06 -1.97
N GLU A 206 -17.48 -29.48 -2.98
CA GLU A 206 -16.05 -29.21 -2.87
C GLU A 206 -15.79 -28.03 -1.93
N ILE A 207 -16.65 -27.02 -1.98
CA ILE A 207 -16.48 -25.86 -1.10
C ILE A 207 -16.61 -26.27 0.36
N ARG A 208 -17.43 -27.27 0.64
CA ARG A 208 -17.54 -27.76 2.02
C ARG A 208 -16.23 -28.38 2.50
N ARG A 209 -15.43 -28.94 1.59
CA ARG A 209 -14.19 -29.61 1.94
C ARG A 209 -12.97 -28.72 1.83
N SER A 210 -13.12 -27.50 1.32
CA SER A 210 -11.96 -26.65 1.05
C SER A 210 -12.06 -25.29 1.72
N ASP A 211 -12.67 -24.32 1.03
CA ASP A 211 -12.61 -22.93 1.47
C ASP A 211 -13.49 -22.67 2.69
N LEU A 212 -14.57 -23.44 2.85
CA LEU A 212 -15.54 -23.16 3.90
C LEU A 212 -15.16 -23.76 5.25
N VAL A 213 -14.11 -24.57 5.30
CA VAL A 213 -13.75 -25.25 6.55
C VAL A 213 -13.48 -24.27 7.68
N PRO A 214 -12.69 -23.20 7.51
CA PRO A 214 -12.49 -22.26 8.62
C PRO A 214 -13.77 -21.58 9.08
N PHE A 215 -14.72 -21.33 8.17
CA PHE A 215 -15.97 -20.71 8.57
C PHE A 215 -16.83 -21.65 9.40
N ALA A 216 -16.77 -22.94 9.14
CA ALA A 216 -17.58 -23.89 9.91
C ALA A 216 -16.98 -24.15 11.27
N ARG A 217 -15.66 -24.05 11.40
CA ARG A 217 -15.00 -24.28 12.68
C ARG A 217 -15.17 -23.12 13.64
N LEU A 218 -15.26 -21.90 13.13
CA LEU A 218 -15.32 -20.70 13.98
C LEU A 218 -16.71 -20.09 14.02
N ALA A 219 -17.73 -20.80 13.53
CA ALA A 219 -19.09 -20.24 13.56
C ALA A 219 -19.56 -20.00 14.98
N GLY A 220 -19.20 -20.89 15.92
CA GLY A 220 -19.55 -20.69 17.31
C GLY A 220 -18.65 -19.72 18.06
N GLN A 221 -17.47 -19.44 17.53
CA GLN A 221 -16.52 -18.54 18.17
C GLN A 221 -16.47 -17.17 17.51
N LEU A 222 -17.35 -16.90 16.56
CA LEU A 222 -17.35 -15.65 15.82
C LEU A 222 -18.64 -14.89 16.10
N ASP A 223 -18.54 -13.56 16.03
CA ASP A 223 -19.67 -12.69 16.29
C ASP A 223 -20.12 -11.89 15.07
N ALA A 224 -19.31 -11.84 14.01
CA ALA A 224 -19.65 -11.05 12.85
C ALA A 224 -19.03 -11.69 11.61
N LEU A 225 -19.76 -11.61 10.51
CA LEU A 225 -19.31 -12.16 9.24
C LEU A 225 -19.44 -11.13 8.14
N MET A 226 -18.66 -11.31 7.08
CA MET A 226 -18.70 -10.44 5.90
C MET A 226 -18.70 -11.31 4.65
N PRO A 227 -19.84 -11.46 3.99
CA PRO A 227 -19.87 -12.27 2.76
C PRO A 227 -19.13 -11.58 1.62
N ALA A 228 -18.45 -12.39 0.82
CA ALA A 228 -17.75 -11.87 -0.34
C ALA A 228 -18.74 -11.60 -1.46
N HIS A 229 -18.29 -10.84 -2.45
CA HIS A 229 -19.10 -10.52 -3.63
C HIS A 229 -18.75 -11.43 -4.80
N VAL A 230 -18.39 -12.67 -4.53
CA VAL A 230 -18.06 -13.63 -5.57
C VAL A 230 -19.33 -14.35 -5.98
N ILE A 231 -19.43 -14.68 -7.27
CA ILE A 231 -20.56 -15.41 -7.81
C ILE A 231 -20.23 -16.89 -7.83
N TYR A 232 -21.15 -17.72 -7.32
CA TYR A 232 -21.03 -19.17 -7.35
C TYR A 232 -22.20 -19.72 -8.16
N PRO A 233 -22.05 -19.83 -9.48
CA PRO A 233 -23.18 -20.30 -10.31
C PRO A 233 -23.67 -21.67 -9.93
N GLN A 234 -22.85 -22.49 -9.26
CA GLN A 234 -23.32 -23.77 -8.78
C GLN A 234 -24.32 -23.61 -7.64
N VAL A 235 -24.17 -22.57 -6.83
CA VAL A 235 -25.00 -22.41 -5.63
C VAL A 235 -26.15 -21.45 -5.93
N ASP A 236 -25.82 -20.20 -6.22
CA ASP A 236 -26.83 -19.17 -6.42
C ASP A 236 -26.29 -18.21 -7.46
N PRO A 237 -27.06 -17.90 -8.51
CA PRO A 237 -26.57 -16.95 -9.53
C PRO A 237 -26.19 -15.59 -8.97
N GLN A 238 -26.91 -15.11 -7.95
CA GLN A 238 -26.54 -13.84 -7.32
C GLN A 238 -25.34 -14.03 -6.39
N PRO A 239 -24.58 -12.97 -6.12
CA PRO A 239 -23.41 -13.08 -5.26
C PRO A 239 -23.75 -13.60 -3.86
N ALA A 240 -22.71 -14.04 -3.16
CA ALA A 240 -22.93 -14.66 -1.86
C ALA A 240 -23.52 -13.68 -0.86
N GLY A 241 -23.17 -12.39 -0.96
CA GLY A 241 -23.75 -11.39 -0.09
C GLY A 241 -25.23 -11.14 -0.34
N PHE A 242 -25.72 -11.45 -1.55
CA PHE A 242 -27.11 -11.23 -1.93
C PHE A 242 -27.91 -12.53 -2.00
N SER A 243 -27.33 -13.65 -1.60
CA SER A 243 -27.94 -14.96 -1.74
C SER A 243 -28.60 -15.37 -0.43
N ARG A 244 -29.91 -15.62 -0.47
CA ARG A 244 -30.59 -16.20 0.68
C ARG A 244 -30.25 -17.67 0.88
N ARG A 245 -29.82 -18.35 -0.19
CA ARG A 245 -29.31 -19.71 -0.02
C ARG A 245 -27.97 -19.71 0.72
N TRP A 246 -27.14 -18.69 0.49
CA TRP A 246 -25.85 -18.62 1.17
C TRP A 246 -25.99 -18.15 2.61
N LEU A 247 -26.76 -17.08 2.83
CA LEU A 247 -26.84 -16.44 4.14
C LEU A 247 -27.85 -17.12 5.08
N GLN A 248 -28.98 -17.59 4.55
CA GLN A 248 -30.01 -18.20 5.38
C GLN A 248 -29.98 -19.72 5.35
N GLU A 249 -29.94 -20.30 4.15
CA GLU A 249 -30.05 -21.75 4.03
C GLU A 249 -28.77 -22.44 4.50
N ILE A 250 -27.61 -21.89 4.17
CA ILE A 250 -26.33 -22.52 4.45
C ILE A 250 -25.68 -21.94 5.70
N LEU A 251 -25.67 -20.61 5.83
CA LEU A 251 -24.98 -19.99 6.96
C LEU A 251 -25.78 -20.13 8.25
N ARG A 252 -26.98 -19.54 8.28
CA ARG A 252 -27.78 -19.55 9.49
C ARG A 252 -28.41 -20.92 9.73
N GLY A 253 -28.95 -21.54 8.68
CA GLY A 253 -29.68 -22.77 8.86
C GLY A 253 -28.82 -24.01 9.02
N GLU A 254 -27.61 -23.99 8.46
CA GLU A 254 -26.74 -25.16 8.43
C GLU A 254 -25.47 -24.97 9.24
N LEU A 255 -24.77 -23.85 9.06
CA LEU A 255 -23.51 -23.59 9.76
C LEU A 255 -23.71 -23.06 11.17
N LYS A 256 -24.94 -23.10 11.69
CA LYS A 256 -25.29 -22.74 13.06
C LYS A 256 -24.83 -21.35 13.49
N PHE A 257 -24.36 -20.54 12.54
CA PHE A 257 -23.93 -19.19 12.87
C PHE A 257 -25.13 -18.34 13.31
N ASP A 258 -24.87 -17.41 14.24
CA ASP A 258 -25.93 -16.59 14.79
C ASP A 258 -25.57 -15.12 14.96
N GLY A 259 -24.30 -14.74 14.86
CA GLY A 259 -23.92 -13.36 14.96
C GLY A 259 -24.43 -12.54 13.78
N VAL A 260 -24.01 -11.28 13.76
CA VAL A 260 -24.43 -10.37 12.70
C VAL A 260 -23.76 -10.75 11.40
N ILE A 261 -24.22 -10.14 10.31
CA ILE A 261 -23.68 -10.38 8.98
C ILE A 261 -23.46 -9.01 8.35
N PHE A 262 -22.24 -8.50 8.46
CA PHE A 262 -21.89 -7.23 7.85
C PHE A 262 -21.79 -7.41 6.34
N SER A 263 -22.57 -6.64 5.59
CA SER A 263 -22.41 -6.60 4.14
C SER A 263 -21.05 -6.02 3.79
N ASP A 264 -20.49 -6.46 2.67
CA ASP A 264 -19.24 -5.89 2.19
C ASP A 264 -19.54 -4.53 1.56
N ASP A 265 -18.48 -3.88 1.07
CA ASP A 265 -18.63 -2.55 0.48
C ASP A 265 -19.57 -2.60 -0.71
N LEU A 266 -20.72 -1.94 -0.60
CA LEU A 266 -21.74 -1.95 -1.65
C LEU A 266 -21.57 -0.83 -2.66
N SER A 267 -20.41 -0.18 -2.68
CA SER A 267 -20.14 0.87 -3.66
C SER A 267 -19.13 0.47 -4.71
N MET A 268 -18.28 -0.51 -4.43
CA MET A 268 -17.32 -0.99 -5.42
C MET A 268 -18.02 -1.82 -6.50
N ALA A 269 -17.23 -2.25 -7.48
CA ALA A 269 -17.75 -3.09 -8.54
C ALA A 269 -18.08 -4.47 -7.98
N GLY A 270 -18.65 -5.33 -8.84
CA GLY A 270 -19.11 -6.64 -8.43
C GLY A 270 -20.44 -6.65 -7.73
N ALA A 271 -20.83 -5.54 -7.09
CA ALA A 271 -22.13 -5.41 -6.47
C ALA A 271 -23.17 -4.77 -7.38
N HIS A 272 -22.76 -4.30 -8.58
CA HIS A 272 -23.67 -3.73 -9.57
C HIS A 272 -24.52 -4.78 -10.27
N VAL A 273 -24.57 -6.01 -9.75
CA VAL A 273 -25.43 -7.03 -10.34
C VAL A 273 -26.89 -6.70 -10.12
N VAL A 274 -27.22 -6.05 -8.99
CA VAL A 274 -28.62 -5.74 -8.73
C VAL A 274 -29.00 -4.40 -9.36
N GLY A 275 -28.07 -3.44 -9.38
CA GLY A 275 -28.32 -2.18 -10.06
C GLY A 275 -28.06 -0.94 -9.24
N ASP A 276 -29.14 -0.30 -8.78
CA ASP A 276 -29.03 1.00 -8.12
C ASP A 276 -28.45 0.84 -6.72
N ALA A 277 -27.87 1.94 -6.22
CA ALA A 277 -27.32 1.94 -4.86
C ALA A 277 -28.37 1.59 -3.83
N ALA A 278 -29.57 2.15 -3.96
CA ALA A 278 -30.67 1.78 -3.07
C ALA A 278 -31.06 0.33 -3.26
N SER A 279 -31.14 -0.13 -4.51
CA SER A 279 -31.49 -1.52 -4.77
C SER A 279 -30.44 -2.49 -4.27
N ARG A 280 -29.21 -2.02 -4.03
CA ARG A 280 -28.18 -2.91 -3.49
C ARG A 280 -28.49 -3.29 -2.05
N ILE A 281 -28.79 -2.31 -1.20
CA ILE A 281 -29.10 -2.61 0.18
C ILE A 281 -30.46 -3.28 0.31
N GLU A 282 -31.37 -3.04 -0.63
CA GLU A 282 -32.62 -3.80 -0.67
C GLU A 282 -32.35 -5.28 -0.84
N ALA A 283 -31.50 -5.65 -1.81
CA ALA A 283 -31.22 -7.06 -2.04
C ALA A 283 -30.37 -7.64 -0.93
N ALA A 284 -29.57 -6.83 -0.26
CA ALA A 284 -28.73 -7.33 0.83
C ALA A 284 -29.56 -7.61 2.07
N LEU A 285 -30.45 -6.68 2.44
CA LEU A 285 -31.29 -6.88 3.62
C LEU A 285 -32.34 -7.95 3.37
N ALA A 286 -32.86 -8.05 2.15
CA ALA A 286 -33.80 -9.11 1.82
C ALA A 286 -33.12 -10.47 1.76
N ALA A 287 -31.79 -10.51 1.65
CA ALA A 287 -31.07 -11.78 1.64
C ALA A 287 -30.80 -12.32 3.04
N GLY A 288 -30.72 -11.44 4.04
CA GLY A 288 -30.55 -11.89 5.40
C GLY A 288 -29.44 -11.18 6.16
N CYS A 289 -28.77 -10.24 5.52
CA CYS A 289 -27.72 -9.51 6.21
C CYS A 289 -28.33 -8.54 7.22
N ASP A 290 -27.54 -8.20 8.23
CA ASP A 290 -28.01 -7.35 9.33
C ASP A 290 -27.62 -5.89 9.17
N MET A 291 -26.66 -5.57 8.30
CA MET A 291 -26.20 -4.20 8.16
C MET A 291 -25.59 -4.03 6.77
N GLY A 292 -25.81 -2.86 6.18
CA GLY A 292 -25.28 -2.54 4.86
C GLY A 292 -24.07 -1.62 4.96
N LEU A 293 -23.11 -1.84 4.06
CA LEU A 293 -21.84 -1.12 4.07
C LEU A 293 -21.69 -0.39 2.73
N VAL A 294 -21.77 0.93 2.78
CA VAL A 294 -21.53 1.78 1.62
C VAL A 294 -20.55 2.87 2.02
N CYS A 295 -19.44 2.98 1.28
CA CYS A 295 -18.40 3.93 1.58
C CYS A 295 -17.86 4.49 0.28
N ASN A 296 -16.90 5.40 0.39
CA ASN A 296 -16.23 6.05 -0.74
C ASN A 296 -17.18 6.84 -1.63
N ASP A 297 -18.44 7.00 -1.23
CA ASP A 297 -19.39 7.79 -2.00
C ASP A 297 -20.54 8.18 -1.09
N ARG A 298 -20.74 9.48 -0.90
CA ARG A 298 -21.79 9.96 -0.01
C ARG A 298 -23.17 9.83 -0.65
N ALA A 299 -23.27 10.08 -1.95
CA ALA A 299 -24.57 10.09 -2.62
C ALA A 299 -25.24 8.72 -2.53
N SER A 300 -24.48 7.66 -2.80
CA SER A 300 -25.03 6.32 -2.67
C SER A 300 -25.46 6.02 -1.24
N ALA A 301 -24.77 6.60 -0.26
CA ALA A 301 -25.17 6.42 1.14
C ALA A 301 -26.47 7.15 1.45
N GLU A 302 -26.73 8.26 0.77
CA GLU A 302 -27.99 8.98 0.99
C GLU A 302 -29.16 8.24 0.36
N LEU A 303 -28.94 7.63 -0.81
CA LEU A 303 -30.01 6.86 -1.44
C LEU A 303 -30.36 5.64 -0.61
N ALA A 304 -29.35 4.96 -0.06
CA ALA A 304 -29.62 3.83 0.82
C ALA A 304 -30.29 4.28 2.12
N LEU A 305 -29.82 5.40 2.69
CA LEU A 305 -30.44 5.91 3.92
C LEU A 305 -31.92 6.22 3.67
N ALA A 306 -32.22 6.92 2.57
CA ALA A 306 -33.61 7.21 2.24
C ALA A 306 -34.42 5.95 2.04
N ALA A 307 -33.78 4.88 1.53
CA ALA A 307 -34.46 3.60 1.39
C ALA A 307 -34.82 3.03 2.75
N LEU A 308 -33.84 2.98 3.66
CA LEU A 308 -34.11 2.41 4.98
C LEU A 308 -35.17 3.21 5.74
N GLN A 309 -35.23 4.52 5.52
CA GLN A 309 -36.29 5.32 6.12
C GLN A 309 -37.66 4.91 5.59
N ARG A 310 -37.73 4.50 4.33
CA ARG A 310 -39.02 4.15 3.72
C ARG A 310 -39.60 2.88 4.35
N LEU A 311 -38.86 1.78 4.30
CA LEU A 311 -39.36 0.55 4.89
C LEU A 311 -39.23 0.53 6.40
N LYS A 312 -38.80 1.64 7.02
CA LYS A 312 -38.75 1.79 8.47
C LYS A 312 -37.98 0.64 9.11
N VAL A 313 -36.68 0.63 8.87
CA VAL A 313 -35.83 -0.41 9.41
C VAL A 313 -35.70 -0.22 10.92
N THR A 314 -35.54 -1.33 11.63
CA THR A 314 -35.29 -1.32 13.05
C THR A 314 -33.87 -1.79 13.31
N PRO A 315 -33.09 -1.09 14.11
CA PRO A 315 -31.72 -1.55 14.41
C PRO A 315 -31.75 -2.92 15.04
N PRO A 316 -31.06 -3.90 14.44
CA PRO A 316 -31.08 -5.27 14.99
C PRO A 316 -30.47 -5.32 16.39
N SER A 317 -31.10 -6.09 17.27
CA SER A 317 -30.60 -6.27 18.63
C SER A 317 -29.27 -7.01 18.68
N ARG A 318 -28.82 -7.55 17.56
CA ARG A 318 -27.53 -8.24 17.49
C ARG A 318 -26.36 -7.28 17.30
N LEU A 319 -26.61 -6.03 16.92
CA LEU A 319 -25.52 -5.13 16.58
C LEU A 319 -24.74 -4.68 17.81
N GLN A 320 -25.42 -4.51 18.95
CA GLN A 320 -24.73 -4.05 20.15
C GLN A 320 -23.70 -5.04 20.66
N ARG A 321 -23.77 -6.30 20.21
CA ARG A 321 -22.74 -7.27 20.54
C ARG A 321 -21.39 -6.93 19.94
N MET A 322 -21.37 -6.13 18.88
CA MET A 322 -20.14 -5.78 18.17
C MET A 322 -19.46 -4.54 18.73
N ARG A 323 -20.14 -3.78 19.58
CA ARG A 323 -19.51 -2.62 20.21
C ARG A 323 -18.41 -3.08 21.15
N GLY A 324 -17.31 -2.32 21.17
CA GLY A 324 -16.14 -2.74 21.94
C GLY A 324 -16.40 -2.64 23.43
N LYS A 325 -16.11 -3.74 24.15
CA LYS A 325 -16.15 -3.77 25.60
C LYS A 325 -14.78 -3.47 26.21
N GLY A 326 -13.93 -2.73 25.49
CA GLY A 326 -12.53 -2.66 25.85
C GLY A 326 -12.28 -1.87 27.12
N TYR A 327 -11.51 -2.47 28.04
CA TYR A 327 -10.98 -1.80 29.21
C TYR A 327 -9.78 -0.92 28.88
N ALA A 328 -9.57 -0.64 27.60
CA ALA A 328 -8.36 0.03 27.14
C ALA A 328 -8.42 1.53 27.42
N ASN A 329 -7.37 2.04 28.07
CA ASN A 329 -7.17 3.48 28.23
C ASN A 329 -5.86 3.84 27.53
N THR A 330 -5.16 4.84 28.04
CA THR A 330 -3.74 5.00 27.69
C THR A 330 -2.86 4.10 28.54
N ASP A 331 -3.47 3.19 29.31
CA ASP A 331 -2.78 2.33 30.26
C ASP A 331 -2.20 1.07 29.60
N TYR A 332 -2.69 0.70 28.42
CA TYR A 332 -2.29 -0.56 27.80
C TYR A 332 -0.78 -0.67 27.60
N ARG A 333 -0.05 0.45 27.69
CA ARG A 333 1.40 0.41 27.59
C ARG A 333 2.06 -0.20 28.82
N GLN A 334 1.34 -0.28 29.93
CA GLN A 334 1.88 -0.78 31.19
C GLN A 334 1.03 -1.96 31.68
N GLN A 335 1.19 -3.10 31.01
CA GLN A 335 0.53 -4.34 31.43
C GLN A 335 1.47 -5.50 31.11
N PRO A 336 1.37 -6.60 31.86
CA PRO A 336 2.29 -7.73 31.61
C PRO A 336 2.09 -8.36 30.24
N ARG A 337 0.85 -8.44 29.77
CA ARG A 337 0.60 -8.95 28.42
C ARG A 337 1.24 -8.06 27.37
N TRP A 338 1.26 -6.75 27.62
CA TRP A 338 1.84 -5.82 26.65
C TRP A 338 3.34 -6.07 26.47
N LEU A 339 4.06 -6.30 27.57
CA LEU A 339 5.49 -6.54 27.47
C LEU A 339 5.79 -7.93 26.93
N GLU A 340 5.03 -8.93 27.36
CA GLU A 340 5.28 -10.30 26.91
C GLU A 340 4.97 -10.46 25.42
N ALA A 341 3.84 -9.89 24.98
CA ALA A 341 3.48 -9.98 23.56
C ALA A 341 4.44 -9.17 22.69
N LEU A 342 4.98 -8.06 23.22
CA LEU A 342 5.97 -7.30 22.47
C LEU A 342 7.23 -8.13 22.26
N SER A 343 7.72 -8.79 23.31
CA SER A 343 8.93 -9.59 23.17
C SER A 343 8.66 -10.85 22.34
N ALA A 344 7.50 -11.48 22.53
CA ALA A 344 7.20 -12.70 21.78
C ALA A 344 7.08 -12.43 20.29
N LEU A 345 6.48 -11.28 19.93
CA LEU A 345 6.37 -10.91 18.53
C LEU A 345 7.64 -10.28 17.99
N ARG A 346 8.46 -9.68 18.84
CA ARG A 346 9.71 -9.08 18.37
C ARG A 346 10.75 -10.14 18.04
N ALA A 347 10.66 -11.31 18.66
CA ALA A 347 11.62 -12.38 18.39
C ALA A 347 11.49 -12.88 16.96
N ALA A 348 10.27 -12.95 16.42
CA ALA A 348 10.04 -13.41 15.06
C ALA A 348 10.32 -12.34 14.01
N GLN A 349 10.87 -11.18 14.41
CA GLN A 349 11.24 -10.10 13.49
C GLN A 349 10.03 -9.60 12.70
N LEU A 350 8.87 -9.59 13.35
CA LEU A 350 7.63 -9.20 12.69
C LEU A 350 7.23 -7.76 13.00
N ILE A 351 7.16 -7.38 14.28
CA ILE A 351 6.65 -6.07 14.67
C ILE A 351 7.73 -5.02 14.56
N ASP A 352 7.38 -3.78 14.91
CA ASP A 352 8.30 -2.66 14.85
C ASP A 352 8.95 -2.41 16.21
N MET B 21 25.96 2.66 -28.59
CA MET B 21 27.19 3.34 -28.19
C MET B 21 27.41 3.24 -26.68
N GLN B 22 26.88 4.21 -25.94
CA GLN B 22 27.00 4.26 -24.48
C GLN B 22 25.68 3.88 -23.85
N GLY B 23 25.73 3.00 -22.86
CA GLY B 23 24.53 2.56 -22.18
C GLY B 23 24.81 1.36 -21.32
N SER B 24 23.82 1.04 -20.47
CA SER B 24 23.88 -0.09 -19.56
C SER B 24 22.45 -0.57 -19.32
N LEU B 25 22.28 -1.43 -18.31
CA LEU B 25 21.00 -2.07 -18.07
C LEU B 25 20.82 -2.36 -16.59
N MET B 26 19.62 -2.12 -16.08
CA MET B 26 19.27 -2.42 -14.71
C MET B 26 18.10 -3.39 -14.70
N LEU B 27 18.29 -4.53 -14.06
CA LEU B 27 17.31 -5.60 -14.06
C LEU B 27 16.86 -5.89 -12.63
N ASP B 28 16.20 -7.03 -12.46
CA ASP B 28 15.60 -7.40 -11.19
C ASP B 28 15.60 -8.92 -11.06
N ILE B 29 15.81 -9.40 -9.84
CA ILE B 29 15.72 -10.82 -9.52
C ILE B 29 14.47 -11.04 -8.68
N GLY B 30 13.83 -12.20 -8.88
CA GLY B 30 12.59 -12.50 -8.19
C GLY B 30 12.72 -13.52 -7.09
N GLY B 31 13.59 -13.24 -6.11
CA GLY B 31 13.76 -14.17 -5.00
C GLY B 31 14.45 -13.49 -3.85
N THR B 32 14.55 -14.23 -2.74
CA THR B 32 15.26 -13.73 -1.58
C THR B 32 16.76 -13.79 -1.77
N TRP B 33 17.25 -14.86 -2.39
CA TRP B 33 18.66 -15.02 -2.72
C TRP B 33 18.80 -15.20 -4.23
N LEU B 34 20.04 -15.37 -4.68
CA LEU B 34 20.36 -15.40 -6.10
C LEU B 34 20.22 -16.81 -6.64
N THR B 35 19.39 -16.97 -7.67
CA THR B 35 19.34 -18.21 -8.41
C THR B 35 20.55 -18.33 -9.33
N ALA B 36 20.89 -19.56 -9.71
CA ALA B 36 22.00 -19.77 -10.62
C ALA B 36 21.80 -19.01 -11.93
N GLU B 37 20.55 -18.93 -12.40
CA GLU B 37 20.27 -18.16 -13.60
C GLU B 37 20.53 -16.66 -13.36
N ASP B 38 20.27 -16.18 -12.14
CA ASP B 38 20.58 -14.80 -11.82
C ASP B 38 22.09 -14.56 -11.85
N ARG B 39 22.86 -15.47 -11.27
CA ARG B 39 24.31 -15.28 -11.17
C ARG B 39 24.96 -15.17 -12.54
N GLN B 40 24.46 -15.93 -13.52
CA GLN B 40 25.04 -15.85 -14.86
C GLN B 40 24.63 -14.57 -15.59
N ILE B 41 23.44 -14.04 -15.29
CA ILE B 41 22.99 -12.83 -15.96
C ILE B 41 23.76 -11.61 -15.45
N LEU B 42 24.17 -11.63 -14.18
CA LEU B 42 24.91 -10.50 -13.62
C LEU B 42 26.26 -10.33 -14.31
N ARG B 43 27.01 -11.42 -14.46
CA ARG B 43 28.38 -11.35 -14.96
C ARG B 43 28.49 -10.67 -16.33
N HIS B 44 27.39 -10.51 -17.05
CA HIS B 44 27.42 -9.77 -18.31
C HIS B 44 27.77 -8.32 -18.05
N PRO B 45 28.80 -7.76 -18.70
CA PRO B 45 29.20 -6.38 -18.39
C PRO B 45 28.14 -5.37 -18.76
N GLU B 46 27.28 -5.66 -19.73
CA GLU B 46 26.23 -4.72 -20.12
C GLU B 46 25.20 -4.50 -19.04
N VAL B 47 25.21 -5.31 -17.98
CA VAL B 47 24.34 -5.10 -16.83
C VAL B 47 24.96 -4.04 -15.94
N GLY B 48 24.15 -3.05 -15.55
CA GLY B 48 24.67 -1.93 -14.79
C GLY B 48 24.22 -1.89 -13.34
N GLY B 49 22.97 -2.30 -13.07
CA GLY B 49 22.44 -2.18 -11.74
C GLY B 49 21.36 -3.19 -11.43
N LEU B 50 20.96 -3.20 -10.16
CA LEU B 50 19.91 -4.09 -9.65
C LEU B 50 18.92 -3.28 -8.83
N ILE B 51 17.66 -3.74 -8.80
CA ILE B 51 16.63 -3.19 -7.93
C ILE B 51 16.07 -4.29 -7.06
N ILE B 52 15.81 -3.98 -5.79
CA ILE B 52 15.14 -4.89 -4.88
C ILE B 52 13.70 -4.41 -4.68
N PHE B 53 12.78 -5.36 -4.59
CA PHE B 53 11.37 -5.06 -4.40
C PHE B 53 10.86 -5.68 -3.11
N ALA B 54 9.54 -5.91 -3.03
CA ALA B 54 8.98 -6.47 -1.81
C ALA B 54 9.46 -7.88 -1.58
N ARG B 55 9.46 -8.72 -2.63
CA ARG B 55 9.79 -10.13 -2.51
C ARG B 55 11.26 -10.37 -2.18
N ASN B 56 12.10 -9.33 -2.22
CA ASN B 56 13.52 -9.46 -1.92
C ASN B 56 13.86 -8.99 -0.51
N ILE B 57 12.87 -8.76 0.33
CA ILE B 57 13.09 -8.14 1.64
C ILE B 57 12.45 -9.01 2.71
N GLU B 58 13.27 -9.47 3.65
CA GLU B 58 12.79 -10.14 4.86
C GLU B 58 13.16 -9.35 6.11
N HIS B 59 14.46 -9.15 6.35
CA HIS B 59 14.95 -8.37 7.48
C HIS B 59 16.20 -7.64 7.01
N PRO B 60 16.65 -6.61 7.74
CA PRO B 60 17.86 -5.89 7.31
C PRO B 60 19.06 -6.80 7.10
N ALA B 61 19.31 -7.74 8.02
CA ALA B 61 20.46 -8.62 7.88
C ALA B 61 20.36 -9.50 6.64
N GLN B 62 19.14 -9.80 6.20
CA GLN B 62 18.96 -10.60 4.98
C GLN B 62 19.38 -9.81 3.75
N VAL B 63 19.00 -8.52 3.68
CA VAL B 63 19.39 -7.70 2.55
C VAL B 63 20.89 -7.45 2.55
N ARG B 64 21.51 -7.39 3.73
CA ARG B 64 22.97 -7.27 3.77
C ARG B 64 23.65 -8.52 3.23
N GLU B 65 23.11 -9.70 3.56
CA GLU B 65 23.63 -10.95 2.99
C GLU B 65 23.44 -10.99 1.49
N LEU B 66 22.32 -10.43 1.00
CA LEU B 66 22.10 -10.35 -0.43
C LEU B 66 23.09 -9.39 -1.08
N CYS B 67 23.25 -8.20 -0.50
CA CYS B 67 24.17 -7.21 -1.05
C CYS B 67 25.60 -7.71 -1.06
N ALA B 68 25.98 -8.51 -0.07
CA ALA B 68 27.32 -9.09 -0.04
C ALA B 68 27.47 -10.20 -1.06
N ALA B 69 26.39 -10.89 -1.40
CA ALA B 69 26.47 -11.99 -2.35
C ALA B 69 26.47 -11.51 -3.80
N ILE B 70 25.79 -10.41 -4.10
CA ILE B 70 25.84 -9.86 -5.45
C ILE B 70 27.19 -9.21 -5.71
N ARG B 71 27.64 -8.34 -4.79
CA ARG B 71 28.91 -7.66 -4.99
C ARG B 71 30.11 -8.58 -4.83
N ALA B 72 29.89 -9.83 -4.39
CA ALA B 72 30.95 -10.83 -4.45
C ALA B 72 31.18 -11.30 -5.88
N ILE B 73 30.23 -11.08 -6.77
CA ILE B 73 30.37 -11.42 -8.18
C ILE B 73 30.71 -10.19 -9.02
N ARG B 74 30.16 -9.03 -8.66
CA ARG B 74 30.40 -7.79 -9.38
C ARG B 74 30.47 -6.61 -8.40
N PRO B 75 31.67 -6.14 -8.07
CA PRO B 75 31.74 -4.96 -7.18
C PRO B 75 31.28 -3.68 -7.85
N ASP B 76 31.41 -3.55 -9.16
CA ASP B 76 31.07 -2.32 -9.86
C ASP B 76 29.57 -2.15 -10.08
N LEU B 77 28.77 -3.17 -9.78
CA LEU B 77 27.33 -3.06 -9.95
C LEU B 77 26.74 -2.14 -8.89
N LEU B 78 25.82 -1.28 -9.32
CA LEU B 78 25.14 -0.36 -8.42
C LEU B 78 23.81 -0.95 -8.01
N LEU B 79 23.43 -0.76 -6.74
CA LEU B 79 22.25 -1.38 -6.16
C LEU B 79 21.32 -0.29 -5.64
N ALA B 80 20.06 -0.33 -6.08
CA ALA B 80 19.08 0.70 -5.75
C ALA B 80 17.78 0.07 -5.27
N VAL B 81 17.01 0.86 -4.54
CA VAL B 81 15.72 0.44 -4.00
C VAL B 81 14.72 1.56 -4.23
N ASP B 82 13.47 1.19 -4.54
CA ASP B 82 12.40 2.17 -4.74
C ASP B 82 11.87 2.60 -3.38
N GLN B 83 12.71 3.30 -2.63
CA GLN B 83 12.41 3.75 -1.28
C GLN B 83 12.22 5.26 -1.31
N GLU B 84 11.00 5.71 -1.03
CA GLU B 84 10.68 7.12 -0.93
C GLU B 84 10.29 7.55 0.47
N GLY B 85 9.53 6.73 1.18
CA GLY B 85 9.14 7.04 2.53
C GLY B 85 7.64 7.03 2.77
N GLY B 86 6.88 7.51 1.80
CA GLY B 86 5.44 7.60 1.97
C GLY B 86 4.70 6.31 1.73
N ARG B 87 3.75 6.34 0.79
CA ARG B 87 2.98 5.13 0.46
C ARG B 87 3.86 4.04 -0.11
N VAL B 88 5.03 4.39 -0.63
CA VAL B 88 5.98 3.43 -1.20
C VAL B 88 7.24 3.45 -0.33
N GLN B 89 7.45 2.38 0.42
CA GLN B 89 8.68 2.22 1.20
C GLN B 89 8.92 0.72 1.30
N ARG B 90 9.88 0.23 0.51
CA ARG B 90 10.11 -1.21 0.42
C ARG B 90 10.74 -1.74 1.70
N LEU B 91 11.84 -1.12 2.14
CA LEU B 91 12.51 -1.53 3.38
C LEU B 91 11.62 -1.23 4.57
N ARG B 92 11.06 -2.28 5.18
CA ARG B 92 10.05 -2.14 6.21
C ARG B 92 10.58 -2.46 7.61
N GLN B 93 10.63 -3.74 7.94
CA GLN B 93 10.99 -4.17 9.29
C GLN B 93 12.44 -3.82 9.59
N GLY B 94 12.66 -3.12 10.70
CA GLY B 94 13.98 -2.67 11.09
C GLY B 94 14.36 -1.29 10.60
N PHE B 95 13.41 -0.53 10.07
CA PHE B 95 13.68 0.80 9.53
C PHE B 95 12.65 1.77 10.06
N VAL B 96 13.05 3.04 10.15
CA VAL B 96 12.18 4.08 10.68
C VAL B 96 11.03 4.33 9.71
N ARG B 97 9.81 4.46 10.26
CA ARG B 97 8.63 4.72 9.44
C ARG B 97 8.63 6.15 8.93
N LEU B 98 9.16 6.34 7.71
CA LEU B 98 9.14 7.66 7.11
C LEU B 98 7.72 8.06 6.75
N PRO B 99 7.42 9.36 6.72
CA PRO B 99 6.09 9.80 6.29
C PRO B 99 6.04 10.07 4.80
N ALA B 100 4.87 10.45 4.30
CA ALA B 100 4.78 10.94 2.93
C ALA B 100 5.37 12.33 2.84
N MET B 101 6.05 12.62 1.72
CA MET B 101 6.58 13.96 1.52
C MET B 101 5.49 15.01 1.52
N ARG B 102 4.24 14.63 1.20
CA ARG B 102 3.12 15.55 1.36
C ARG B 102 2.81 15.80 2.83
N ALA B 103 3.04 14.81 3.69
CA ALA B 103 2.87 14.98 5.13
C ALA B 103 4.00 15.80 5.74
N ILE B 104 5.16 15.86 5.09
CA ILE B 104 6.23 16.72 5.57
C ILE B 104 6.00 18.18 5.17
N ALA B 105 5.25 18.40 4.09
CA ALA B 105 5.05 19.76 3.59
C ALA B 105 4.25 20.60 4.59
N ASP B 106 3.10 20.08 5.04
CA ASP B 106 2.24 20.82 5.94
C ASP B 106 2.87 20.92 7.33
N ASN B 107 4.01 21.62 7.41
CA ASN B 107 4.73 21.83 8.65
C ASN B 107 5.32 23.23 8.62
N PRO B 108 5.38 23.90 9.77
CA PRO B 108 6.01 25.24 9.80
C PRO B 108 7.48 25.20 9.45
N ASN B 109 8.25 24.36 10.14
CA ASN B 109 9.69 24.23 9.91
C ASN B 109 9.99 23.12 8.92
N ALA B 110 9.23 23.08 7.82
CA ALA B 110 9.36 22.00 6.86
C ALA B 110 10.68 22.02 6.10
N GLU B 111 11.55 23.00 6.34
CA GLU B 111 12.81 23.06 5.59
C GLU B 111 13.86 22.12 6.16
N GLU B 112 13.85 21.87 7.47
CA GLU B 112 14.79 20.92 8.04
C GLU B 112 14.16 19.58 8.37
N LEU B 113 12.83 19.50 8.42
CA LEU B 113 12.20 18.18 8.43
C LEU B 113 12.52 17.42 7.15
N ALA B 114 12.77 18.13 6.04
CA ALA B 114 13.07 17.48 4.78
C ALA B 114 14.48 16.89 4.79
N GLU B 115 15.49 17.71 5.12
CA GLU B 115 16.86 17.20 5.17
C GLU B 115 17.05 16.19 6.29
N HIS B 116 16.23 16.24 7.35
CA HIS B 116 16.26 15.18 8.35
C HIS B 116 15.81 13.86 7.74
N CYS B 117 14.69 13.86 7.02
CA CYS B 117 14.22 12.64 6.37
C CYS B 117 15.19 12.17 5.29
N GLY B 118 15.77 13.11 4.55
CA GLY B 118 16.74 12.74 3.53
C GLY B 118 17.96 12.04 4.11
N TRP B 119 18.57 12.64 5.13
CA TRP B 119 19.73 12.02 5.75
C TRP B 119 19.36 10.75 6.49
N LEU B 120 18.16 10.69 7.05
CA LEU B 120 17.76 9.53 7.84
C LEU B 120 17.55 8.31 6.97
N MET B 121 16.82 8.47 5.86
CA MET B 121 16.60 7.32 4.99
C MET B 121 17.88 6.92 4.25
N ALA B 122 18.73 7.89 3.92
CA ALA B 122 19.91 7.56 3.13
C ALA B 122 20.90 6.74 3.94
N THR B 123 21.28 7.23 5.13
CA THR B 123 22.14 6.44 6.00
C THR B 123 21.52 5.10 6.36
N GLU B 124 20.19 5.04 6.45
CA GLU B 124 19.53 3.80 6.83
C GLU B 124 19.63 2.75 5.73
N VAL B 125 19.38 3.14 4.48
CA VAL B 125 19.45 2.18 3.39
C VAL B 125 20.91 1.93 2.98
N GLN B 126 21.78 2.93 3.12
CA GLN B 126 23.19 2.72 2.80
C GLN B 126 23.82 1.71 3.75
N ALA B 127 23.44 1.74 5.02
CA ALA B 127 23.97 0.81 6.01
C ALA B 127 23.55 -0.63 5.75
N VAL B 128 22.59 -0.87 4.86
CA VAL B 128 22.18 -2.23 4.52
C VAL B 128 22.94 -2.79 3.33
N GLY B 129 23.57 -1.93 2.53
CA GLY B 129 24.36 -2.40 1.41
C GLY B 129 24.03 -1.71 0.11
N LEU B 130 22.87 -1.05 0.06
CA LEU B 130 22.45 -0.37 -1.15
C LEU B 130 23.23 0.92 -1.34
N ASP B 131 23.32 1.35 -2.58
CA ASP B 131 24.11 2.54 -2.95
C ASP B 131 23.27 3.79 -3.10
N LEU B 132 22.05 3.68 -3.62
CA LEU B 132 21.20 4.84 -3.77
C LEU B 132 19.75 4.41 -3.61
N SER B 133 18.87 5.41 -3.49
CA SER B 133 17.43 5.20 -3.50
C SER B 133 16.83 6.16 -4.51
N PHE B 134 15.79 5.69 -5.22
CA PHE B 134 15.11 6.51 -6.22
C PHE B 134 14.21 7.50 -5.48
N ALA B 135 14.77 8.65 -5.16
CA ALA B 135 14.08 9.67 -4.38
C ALA B 135 14.82 10.99 -4.49
N PRO B 136 14.08 12.11 -4.39
CA PRO B 136 12.63 12.20 -4.19
C PRO B 136 11.87 12.41 -5.50
N VAL B 137 10.55 12.51 -5.41
CA VAL B 137 9.72 12.90 -6.53
C VAL B 137 9.64 14.43 -6.58
N LEU B 138 9.71 14.98 -7.79
CA LEU B 138 9.58 16.40 -8.01
C LEU B 138 8.24 16.78 -8.62
N ASP B 139 7.31 15.84 -8.72
CA ASP B 139 5.99 16.14 -9.25
C ASP B 139 5.21 17.02 -8.28
N LEU B 140 4.20 17.69 -8.80
CA LEU B 140 3.33 18.56 -8.02
C LEU B 140 2.00 17.88 -7.79
N ASP B 141 1.37 18.19 -6.65
CA ASP B 141 0.10 17.57 -6.27
C ASP B 141 -1.04 18.45 -6.77
N HIS B 142 -1.33 18.32 -8.07
CA HIS B 142 -2.45 19.02 -8.69
C HIS B 142 -3.78 18.36 -8.44
N GLN B 143 -3.81 17.31 -7.60
CA GLN B 143 -5.03 16.54 -7.33
C GLN B 143 -5.60 15.93 -8.62
N ARG B 144 -4.73 15.55 -9.55
CA ARG B 144 -5.14 14.96 -10.82
C ARG B 144 -4.60 13.56 -11.02
N SER B 145 -3.35 13.31 -10.63
CA SER B 145 -2.72 12.01 -10.87
C SER B 145 -3.03 11.06 -9.72
N ALA B 146 -3.37 9.82 -10.08
CA ALA B 146 -3.71 8.79 -9.11
C ALA B 146 -2.50 7.97 -8.65
N VAL B 147 -1.32 8.23 -9.21
CA VAL B 147 -0.11 7.52 -8.84
C VAL B 147 0.79 8.34 -7.90
N VAL B 148 0.76 9.67 -7.99
CA VAL B 148 1.60 10.52 -7.16
C VAL B 148 0.73 11.42 -6.28
N GLY B 149 -0.30 10.84 -5.68
CA GLY B 149 -1.21 11.57 -4.83
C GLY B 149 -0.53 12.06 -3.58
N SER B 150 -0.09 11.13 -2.74
CA SER B 150 0.61 11.47 -1.50
C SER B 150 2.12 11.56 -1.67
N ARG B 151 2.65 11.18 -2.84
CA ARG B 151 4.09 11.20 -3.03
C ARG B 151 4.63 12.61 -3.25
N ALA B 152 3.88 13.45 -3.97
CA ALA B 152 4.36 14.78 -4.30
C ALA B 152 4.57 15.62 -3.04
N PHE B 153 5.51 16.55 -3.12
CA PHE B 153 5.79 17.44 -1.99
C PHE B 153 4.62 18.39 -1.73
N GLU B 154 4.29 19.21 -2.72
CA GLU B 154 3.26 20.23 -2.56
C GLU B 154 2.77 20.61 -3.96
N GLY B 155 1.76 21.49 -4.00
CA GLY B 155 1.21 21.96 -5.25
C GLY B 155 1.91 23.19 -5.80
N ASP B 156 2.21 24.16 -4.94
CA ASP B 156 2.96 25.33 -5.38
C ASP B 156 4.38 24.92 -5.73
N PRO B 157 4.91 25.37 -6.88
CA PRO B 157 6.20 24.85 -7.34
C PRO B 157 7.40 25.24 -6.49
N GLU B 158 7.54 26.54 -6.17
CA GLU B 158 8.76 27.01 -5.51
C GLU B 158 8.93 26.45 -4.11
N ARG B 159 7.83 26.19 -3.40
CA ARG B 159 7.95 25.55 -2.10
C ARG B 159 8.33 24.08 -2.23
N ALA B 160 7.87 23.41 -3.28
CA ALA B 160 8.24 22.01 -3.49
C ALA B 160 9.70 21.89 -3.90
N ALA B 161 10.21 22.82 -4.72
CA ALA B 161 11.61 22.77 -5.12
C ALA B 161 12.53 23.13 -3.96
N LEU B 162 12.08 24.01 -3.07
CA LEU B 162 12.87 24.31 -1.87
C LEU B 162 12.92 23.12 -0.93
N LEU B 163 11.78 22.46 -0.70
CA LEU B 163 11.74 21.30 0.18
C LEU B 163 12.54 20.13 -0.40
N ALA B 164 12.42 19.90 -1.70
CA ALA B 164 13.19 18.83 -2.33
C ALA B 164 14.69 19.15 -2.33
N GLY B 165 15.04 20.44 -2.44
CA GLY B 165 16.44 20.81 -2.36
C GLY B 165 17.05 20.50 -0.99
N ALA B 166 16.26 20.64 0.06
CA ALA B 166 16.74 20.28 1.40
C ALA B 166 16.76 18.77 1.59
N PHE B 167 15.77 18.07 1.05
CA PHE B 167 15.75 16.61 1.13
C PHE B 167 16.98 16.01 0.47
N ILE B 168 17.36 16.53 -0.69
CA ILE B 168 18.59 16.09 -1.34
C ILE B 168 19.80 16.55 -0.55
N ARG B 169 19.73 17.76 0.02
CA ARG B 169 20.83 18.26 0.85
C ARG B 169 21.15 17.32 2.00
N GLY B 170 20.15 16.57 2.48
CA GLY B 170 20.36 15.62 3.55
C GLY B 170 20.94 14.32 3.03
N MET B 171 20.49 13.90 1.85
CA MET B 171 21.02 12.68 1.24
C MET B 171 22.48 12.84 0.88
N HIS B 172 22.86 14.00 0.32
CA HIS B 172 24.26 14.24 0.01
C HIS B 172 25.09 14.36 1.27
N ALA B 173 24.53 14.95 2.33
CA ALA B 173 25.18 14.95 3.63
C ALA B 173 25.40 13.55 4.16
N ALA B 174 24.57 12.58 3.75
CA ALA B 174 24.75 11.19 4.14
C ALA B 174 25.66 10.43 3.19
N GLY B 175 25.78 10.88 1.94
CA GLY B 175 26.70 10.28 1.00
C GLY B 175 26.03 9.48 -0.10
N MET B 176 24.82 9.88 -0.50
CA MET B 176 24.07 9.17 -1.51
C MET B 176 23.75 10.10 -2.68
N ALA B 177 23.96 9.61 -3.90
CA ALA B 177 23.58 10.37 -5.08
C ALA B 177 22.07 10.49 -5.17
N ALA B 178 21.60 11.65 -5.61
CA ALA B 178 20.18 11.94 -5.71
C ALA B 178 19.63 11.49 -7.06
N THR B 179 18.32 11.25 -7.09
CA THR B 179 17.63 10.85 -8.32
C THR B 179 16.28 11.55 -8.37
N GLY B 180 16.15 12.50 -9.30
CA GLY B 180 14.90 13.21 -9.50
C GLY B 180 13.97 12.44 -10.42
N LYS B 181 12.67 12.68 -10.23
CA LYS B 181 11.63 12.01 -11.01
C LYS B 181 10.26 12.66 -10.74
N HIS B 182 9.36 12.63 -11.71
CA HIS B 182 9.61 12.09 -13.04
C HIS B 182 9.61 13.20 -14.09
N PHE B 183 10.75 13.40 -14.74
CA PHE B 183 10.91 14.46 -15.71
C PHE B 183 9.98 14.29 -16.91
N PRO B 184 9.29 15.38 -17.30
CA PRO B 184 9.33 16.69 -16.65
C PRO B 184 8.25 16.87 -15.60
N GLY B 185 7.32 15.92 -15.52
CA GLY B 185 6.24 16.01 -14.56
C GLY B 185 5.21 14.92 -14.76
N HIS B 186 4.60 14.45 -13.67
CA HIS B 186 3.60 13.40 -13.74
C HIS B 186 2.35 13.69 -12.93
N GLY B 187 2.33 14.79 -12.19
CA GLY B 187 1.17 15.12 -11.38
C GLY B 187 -0.03 15.60 -12.17
N TRP B 188 0.19 16.12 -13.37
CA TRP B 188 -0.90 16.59 -14.22
C TRP B 188 -1.50 15.48 -15.07
N ALA B 189 -0.72 14.46 -15.39
CA ALA B 189 -1.25 13.31 -16.13
C ALA B 189 -2.18 12.52 -15.23
N GLU B 190 -3.38 12.24 -15.72
CA GLU B 190 -4.42 11.67 -14.86
C GLU B 190 -4.18 10.18 -14.60
N ALA B 191 -4.12 9.39 -15.66
CA ALA B 191 -4.10 7.94 -15.50
C ALA B 191 -2.76 7.47 -14.92
N ASP B 192 -2.78 6.23 -14.42
CA ASP B 192 -1.57 5.60 -13.90
C ASP B 192 -0.78 5.01 -15.05
N SER B 193 0.53 5.29 -15.09
CA SER B 193 1.38 4.85 -16.19
C SER B 193 1.70 3.37 -16.15
N HIS B 194 1.34 2.65 -15.08
CA HIS B 194 1.66 1.23 -14.99
C HIS B 194 0.79 0.37 -15.90
N VAL B 195 -0.41 0.85 -16.24
CA VAL B 195 -1.35 0.03 -17.03
C VAL B 195 -1.84 0.83 -18.23
N ALA B 196 -1.83 2.15 -18.13
CA ALA B 196 -2.34 3.02 -19.17
C ALA B 196 -1.23 3.90 -19.71
N ILE B 197 -1.54 4.60 -20.80
CA ILE B 197 -0.61 5.56 -21.39
C ILE B 197 -1.09 6.97 -21.05
N PRO B 198 -0.45 7.66 -20.10
CA PRO B 198 -0.94 8.97 -19.68
C PRO B 198 -0.72 10.03 -20.75
N GLU B 199 -1.52 11.10 -20.64
CA GLU B 199 -1.51 12.20 -21.59
C GLU B 199 -1.30 13.52 -20.83
N ASP B 200 -0.76 14.51 -21.55
CA ASP B 200 -0.55 15.84 -20.97
C ASP B 200 -0.48 16.82 -22.15
N ALA B 201 -1.63 17.42 -22.47
CA ALA B 201 -1.74 18.31 -23.61
C ALA B 201 -1.45 19.77 -23.26
N ARG B 202 -0.75 20.02 -22.15
CA ARG B 202 -0.39 21.37 -21.79
C ARG B 202 0.66 21.93 -22.77
N SER B 203 0.88 23.23 -22.68
CA SER B 203 1.85 23.89 -23.53
C SER B 203 3.25 23.81 -22.91
N LEU B 204 4.26 23.98 -23.77
CA LEU B 204 5.64 24.03 -23.28
C LEU B 204 5.83 25.16 -22.28
N GLU B 205 5.15 26.28 -22.48
CA GLU B 205 5.31 27.42 -21.57
C GLU B 205 4.64 27.15 -20.23
N GLU B 206 3.50 26.44 -20.24
CA GLU B 206 2.79 26.19 -18.99
C GLU B 206 3.49 25.13 -18.15
N ILE B 207 4.09 24.13 -18.79
CA ILE B 207 4.88 23.15 -18.05
C ILE B 207 6.14 23.80 -17.49
N ARG B 208 6.78 24.67 -18.29
CA ARG B 208 8.00 25.34 -17.84
C ARG B 208 7.70 26.31 -16.71
N ARG B 209 6.51 26.93 -16.72
CA ARG B 209 6.09 27.84 -15.65
C ARG B 209 5.56 27.10 -14.43
N SER B 210 5.23 25.81 -14.57
CA SER B 210 4.65 25.05 -13.47
C SER B 210 5.55 23.88 -13.05
N ASP B 211 5.32 22.70 -13.63
CA ASP B 211 5.94 21.48 -13.15
C ASP B 211 7.43 21.42 -13.44
N LEU B 212 7.93 22.17 -14.42
CA LEU B 212 9.34 22.13 -14.75
C LEU B 212 10.18 23.04 -13.85
N VAL B 213 9.55 23.97 -13.14
CA VAL B 213 10.31 24.85 -12.24
C VAL B 213 11.11 24.07 -11.21
N PRO B 214 10.57 23.05 -10.54
CA PRO B 214 11.44 22.26 -9.63
C PRO B 214 12.65 21.66 -10.33
N PHE B 215 12.45 20.95 -11.44
CA PHE B 215 13.58 20.36 -12.15
C PHE B 215 14.61 21.39 -12.57
N ALA B 216 14.16 22.63 -12.86
CA ALA B 216 15.08 23.68 -13.26
C ALA B 216 15.85 24.26 -12.08
N ARG B 217 15.29 24.19 -10.87
CA ARG B 217 15.95 24.78 -9.71
C ARG B 217 17.05 23.87 -9.17
N LEU B 218 16.75 22.59 -8.98
CA LEU B 218 17.73 21.63 -8.48
C LEU B 218 18.29 20.76 -9.59
N ALA B 219 18.56 21.34 -10.76
CA ALA B 219 19.22 20.58 -11.83
C ALA B 219 20.72 20.46 -11.59
N GLY B 220 21.34 21.52 -11.09
CA GLY B 220 22.77 21.45 -10.81
C GLY B 220 23.10 20.59 -9.60
N GLN B 221 22.24 20.64 -8.58
CA GLN B 221 22.42 19.84 -7.37
C GLN B 221 21.97 18.39 -7.55
N LEU B 222 21.65 17.99 -8.78
CA LEU B 222 21.11 16.67 -9.05
C LEU B 222 22.15 15.83 -9.78
N ASP B 223 22.14 14.53 -9.51
CA ASP B 223 23.08 13.60 -10.13
C ASP B 223 22.43 12.62 -11.10
N ALA B 224 21.11 12.42 -11.02
CA ALA B 224 20.42 11.48 -11.89
C ALA B 224 18.95 11.87 -11.99
N LEU B 225 18.35 11.52 -13.12
CA LEU B 225 16.94 11.82 -13.40
C LEU B 225 16.22 10.54 -13.77
N MET B 226 14.92 10.68 -14.05
CA MET B 226 14.10 9.55 -14.48
C MET B 226 12.93 10.13 -15.24
N PRO B 227 12.96 10.09 -16.57
CA PRO B 227 11.88 10.70 -17.35
C PRO B 227 10.59 9.89 -17.25
N ALA B 228 9.48 10.61 -17.19
CA ALA B 228 8.16 9.99 -17.14
C ALA B 228 7.79 9.42 -18.49
N HIS B 229 6.83 8.49 -18.48
CA HIS B 229 6.32 7.89 -19.70
C HIS B 229 5.08 8.61 -20.22
N VAL B 230 4.84 9.82 -19.76
CA VAL B 230 3.70 10.60 -20.24
C VAL B 230 4.03 11.17 -21.61
N ILE B 231 3.04 11.17 -22.50
CA ILE B 231 3.19 11.75 -23.82
C ILE B 231 2.82 13.22 -23.75
N TYR B 232 3.66 14.07 -24.31
CA TYR B 232 3.39 15.51 -24.38
C TYR B 232 3.28 15.88 -25.85
N PRO B 233 2.07 15.87 -26.42
CA PRO B 233 1.93 16.16 -27.85
C PRO B 233 2.33 17.57 -28.22
N GLN B 234 2.48 18.46 -27.25
CA GLN B 234 2.93 19.83 -27.52
C GLN B 234 4.43 19.90 -27.70
N VAL B 235 5.17 18.87 -27.32
CA VAL B 235 6.63 18.87 -27.41
C VAL B 235 7.10 17.77 -28.34
N ASP B 236 6.94 16.51 -27.91
CA ASP B 236 7.37 15.34 -28.67
C ASP B 236 6.26 14.30 -28.56
N PRO B 237 5.76 13.80 -29.70
CA PRO B 237 4.70 12.77 -29.65
C PRO B 237 5.12 11.49 -28.92
N GLN B 238 6.41 11.28 -28.70
CA GLN B 238 6.86 10.14 -27.92
C GLN B 238 6.91 10.49 -26.44
N PRO B 239 6.90 9.48 -25.56
CA PRO B 239 7.05 9.77 -24.13
C PRO B 239 8.37 10.45 -23.82
N ALA B 240 8.45 11.05 -22.63
CA ALA B 240 9.62 11.84 -22.28
C ALA B 240 10.89 11.00 -22.15
N GLY B 241 10.78 9.67 -22.14
CA GLY B 241 11.94 8.81 -22.02
C GLY B 241 12.56 8.47 -23.36
N PHE B 242 11.74 8.41 -24.41
CA PHE B 242 12.20 8.07 -25.75
C PHE B 242 12.41 9.30 -26.62
N SER B 243 12.32 10.50 -26.06
CA SER B 243 12.35 11.74 -26.83
C SER B 243 13.75 12.32 -26.82
N ARG B 244 14.35 12.46 -28.00
CA ARG B 244 15.64 13.14 -28.10
C ARG B 244 15.50 14.64 -27.87
N ARG B 245 14.31 15.21 -28.10
CA ARG B 245 14.11 16.62 -27.82
C ARG B 245 13.97 16.87 -26.32
N TRP B 246 13.30 15.97 -25.60
CA TRP B 246 13.20 16.11 -24.15
C TRP B 246 14.56 15.94 -23.49
N LEU B 247 15.28 14.88 -23.86
CA LEU B 247 16.51 14.55 -23.16
C LEU B 247 17.66 15.46 -23.57
N GLN B 248 17.95 15.55 -24.87
CA GLN B 248 19.11 16.33 -25.31
C GLN B 248 18.85 17.83 -25.24
N GLU B 249 17.78 18.30 -25.91
CA GLU B 249 17.56 19.74 -26.04
C GLU B 249 17.08 20.35 -24.72
N ILE B 250 15.96 19.86 -24.19
CA ILE B 250 15.33 20.51 -23.05
C ILE B 250 16.10 20.22 -21.76
N LEU B 251 16.54 18.99 -21.58
CA LEU B 251 17.15 18.60 -20.31
C LEU B 251 18.64 18.94 -20.26
N ARG B 252 19.43 18.41 -21.20
CA ARG B 252 20.87 18.58 -21.12
C ARG B 252 21.28 19.99 -21.52
N GLY B 253 20.91 20.41 -22.74
CA GLY B 253 21.41 21.67 -23.25
C GLY B 253 20.73 22.87 -22.62
N GLU B 254 19.43 22.78 -22.36
CA GLU B 254 18.68 23.93 -21.85
C GLU B 254 18.66 23.99 -20.34
N LEU B 255 18.50 22.85 -19.66
CA LEU B 255 18.39 22.82 -18.22
C LEU B 255 19.72 22.57 -17.51
N LYS B 256 20.84 22.64 -18.23
CA LYS B 256 22.19 22.58 -17.68
C LYS B 256 22.51 21.21 -17.08
N PHE B 257 21.57 20.27 -17.05
CA PHE B 257 21.76 19.01 -16.36
C PHE B 257 22.92 18.23 -16.95
N ASP B 258 23.76 17.67 -16.07
CA ASP B 258 24.95 16.94 -16.47
C ASP B 258 24.98 15.49 -15.98
N GLY B 259 24.20 15.15 -14.97
CA GLY B 259 24.21 13.79 -14.44
C GLY B 259 23.68 12.77 -15.43
N VAL B 260 23.43 11.57 -14.91
CA VAL B 260 22.97 10.46 -15.73
C VAL B 260 21.46 10.48 -15.81
N ILE B 261 20.90 9.61 -16.65
CA ILE B 261 19.47 9.53 -16.89
C ILE B 261 19.06 8.06 -16.82
N PHE B 262 18.36 7.69 -15.75
CA PHE B 262 17.75 6.37 -15.65
C PHE B 262 16.42 6.40 -16.38
N SER B 263 16.27 5.59 -17.42
CA SER B 263 14.95 5.47 -18.05
C SER B 263 13.99 4.79 -17.09
N ASP B 264 12.71 5.17 -17.19
CA ASP B 264 11.70 4.57 -16.36
C ASP B 264 11.53 3.09 -16.70
N ASP B 265 10.76 2.38 -15.87
CA ASP B 265 10.55 0.95 -16.05
C ASP B 265 9.99 0.66 -17.44
N LEU B 266 10.77 -0.01 -18.28
CA LEU B 266 10.40 -0.27 -19.66
C LEU B 266 9.52 -1.50 -19.82
N SER B 267 9.06 -2.09 -18.72
CA SER B 267 8.14 -3.22 -18.78
C SER B 267 6.70 -2.84 -18.48
N MET B 268 6.47 -1.75 -17.76
CA MET B 268 5.12 -1.26 -17.53
C MET B 268 4.55 -0.66 -18.81
N ALA B 269 3.23 -0.46 -18.80
CA ALA B 269 2.57 0.15 -19.94
C ALA B 269 3.00 1.61 -20.07
N GLY B 270 2.46 2.28 -21.09
CA GLY B 270 2.90 3.64 -21.36
C GLY B 270 4.18 3.66 -22.19
N ALA B 271 5.11 2.78 -21.86
CA ALA B 271 6.34 2.57 -22.63
C ALA B 271 6.16 1.59 -23.77
N HIS B 272 5.00 0.93 -23.87
CA HIS B 272 4.71 -0.02 -24.93
C HIS B 272 4.38 0.65 -26.27
N VAL B 273 4.71 1.94 -26.44
CA VAL B 273 4.48 2.60 -27.73
C VAL B 273 5.31 1.96 -28.82
N VAL B 274 6.51 1.49 -28.47
CA VAL B 274 7.35 0.81 -29.45
C VAL B 274 6.92 -0.64 -29.62
N GLY B 275 6.57 -1.32 -28.52
CA GLY B 275 5.91 -2.60 -28.56
C GLY B 275 6.79 -3.80 -28.24
N ASP B 276 8.07 -3.75 -28.59
CA ASP B 276 8.99 -4.87 -28.39
C ASP B 276 10.00 -4.52 -27.31
N ALA B 277 10.15 -5.42 -26.33
CA ALA B 277 11.04 -5.15 -25.21
C ALA B 277 12.47 -4.89 -25.67
N ALA B 278 12.94 -5.65 -26.67
CA ALA B 278 14.24 -5.36 -27.24
C ALA B 278 14.23 -4.07 -28.06
N SER B 279 13.07 -3.62 -28.51
CA SER B 279 12.97 -2.40 -29.29
C SER B 279 12.70 -1.17 -28.42
N ARG B 280 12.36 -1.35 -27.15
CA ARG B 280 12.21 -0.22 -26.25
C ARG B 280 13.54 0.22 -25.66
N ILE B 281 14.44 -0.72 -25.42
CA ILE B 281 15.67 -0.40 -24.69
C ILE B 281 16.57 0.49 -25.53
N GLU B 282 16.78 0.14 -26.80
CA GLU B 282 17.61 0.98 -27.64
C GLU B 282 16.90 2.28 -28.02
N ALA B 283 15.57 2.30 -27.99
CA ALA B 283 14.86 3.54 -28.24
C ALA B 283 15.12 4.56 -27.13
N ALA B 284 15.38 4.09 -25.91
CA ALA B 284 15.73 4.99 -24.81
C ALA B 284 17.20 5.38 -24.86
N LEU B 285 18.07 4.43 -25.20
CA LEU B 285 19.49 4.77 -25.34
C LEU B 285 19.72 5.71 -26.51
N ALA B 286 18.96 5.55 -27.60
CA ALA B 286 19.08 6.46 -28.73
C ALA B 286 18.62 7.86 -28.36
N ALA B 287 17.73 7.99 -27.38
CA ALA B 287 17.29 9.29 -26.89
C ALA B 287 18.31 9.96 -25.98
N GLY B 288 19.31 9.22 -25.50
CA GLY B 288 20.39 9.82 -24.73
C GLY B 288 20.49 9.34 -23.29
N CYS B 289 19.63 8.44 -22.83
CA CYS B 289 19.71 7.98 -21.45
C CYS B 289 20.90 7.06 -21.27
N ASP B 290 21.38 6.99 -20.03
CA ASP B 290 22.59 6.24 -19.71
C ASP B 290 22.31 4.81 -19.28
N MET B 291 21.06 4.47 -18.96
CA MET B 291 20.75 3.13 -18.48
C MET B 291 19.26 2.86 -18.63
N GLY B 292 18.93 1.70 -19.18
CA GLY B 292 17.55 1.28 -19.26
C GLY B 292 17.11 0.48 -18.04
N LEU B 293 15.80 0.43 -17.83
CA LEU B 293 15.23 -0.22 -16.67
C LEU B 293 14.09 -1.13 -17.10
N VAL B 294 14.25 -2.43 -16.87
CA VAL B 294 13.22 -3.43 -17.14
C VAL B 294 13.12 -4.35 -15.93
N CYS B 295 11.90 -4.54 -15.43
CA CYS B 295 11.66 -5.35 -14.24
C CYS B 295 10.42 -6.19 -14.47
N ASN B 296 10.09 -7.02 -13.48
CA ASN B 296 8.87 -7.82 -13.43
C ASN B 296 8.75 -8.81 -14.60
N ASP B 297 9.81 -9.00 -15.38
CA ASP B 297 9.80 -9.98 -16.46
C ASP B 297 11.23 -10.31 -16.82
N ARG B 298 11.61 -11.57 -16.63
CA ARG B 298 12.99 -11.98 -16.89
C ARG B 298 13.26 -12.07 -18.39
N ALA B 299 12.28 -12.56 -19.16
CA ALA B 299 12.48 -12.72 -20.60
C ALA B 299 12.77 -11.37 -21.27
N SER B 300 12.04 -10.32 -20.88
CA SER B 300 12.29 -9.01 -21.46
C SER B 300 13.69 -8.52 -21.12
N ALA B 301 14.20 -8.88 -19.94
CA ALA B 301 15.55 -8.47 -19.57
C ALA B 301 16.60 -9.17 -20.43
N GLU B 302 16.40 -10.45 -20.73
CA GLU B 302 17.35 -11.16 -21.57
C GLU B 302 17.29 -10.70 -23.02
N LEU B 303 16.11 -10.24 -23.47
CA LEU B 303 16.02 -9.69 -24.82
C LEU B 303 16.71 -8.34 -24.90
N ALA B 304 16.52 -7.48 -23.89
CA ALA B 304 17.22 -6.21 -23.88
C ALA B 304 18.74 -6.41 -23.76
N LEU B 305 19.17 -7.29 -22.84
CA LEU B 305 20.59 -7.57 -22.68
C LEU B 305 21.19 -8.14 -23.97
N ALA B 306 20.44 -9.00 -24.66
CA ALA B 306 20.90 -9.52 -25.94
C ALA B 306 21.03 -8.41 -26.97
N ALA B 307 20.09 -7.46 -26.98
CA ALA B 307 20.16 -6.35 -27.92
C ALA B 307 21.36 -5.46 -27.64
N LEU B 308 21.62 -5.18 -26.36
CA LEU B 308 22.76 -4.34 -26.01
C LEU B 308 24.09 -5.01 -26.33
N GLN B 309 24.15 -6.33 -26.20
CA GLN B 309 25.35 -7.04 -26.64
C GLN B 309 25.53 -6.97 -28.15
N ARG B 310 24.45 -6.77 -28.90
CA ARG B 310 24.56 -6.66 -30.35
C ARG B 310 25.07 -5.29 -30.78
N LEU B 311 24.73 -4.23 -30.05
CA LEU B 311 25.09 -2.87 -30.40
C LEU B 311 26.39 -2.40 -29.74
N LYS B 312 27.28 -3.34 -29.40
CA LYS B 312 28.63 -3.04 -28.90
C LYS B 312 28.64 -2.04 -27.74
N VAL B 313 27.53 -1.97 -26.99
CA VAL B 313 27.38 -0.91 -26.02
C VAL B 313 28.48 -0.99 -24.96
N THR B 314 28.86 0.17 -24.43
CA THR B 314 29.89 0.28 -23.42
C THR B 314 29.29 0.95 -22.19
N PRO B 315 29.54 0.45 -20.99
CA PRO B 315 28.98 1.08 -19.78
C PRO B 315 29.44 2.52 -19.67
N PRO B 316 28.50 3.46 -19.45
CA PRO B 316 28.90 4.87 -19.32
C PRO B 316 29.84 5.07 -18.13
N SER B 317 30.81 5.96 -18.31
CA SER B 317 31.75 6.24 -17.23
C SER B 317 31.09 6.98 -16.07
N ARG B 318 29.92 7.57 -16.30
CA ARG B 318 29.26 8.36 -15.26
C ARG B 318 28.49 7.52 -14.25
N LEU B 319 28.36 6.22 -14.49
CA LEU B 319 27.58 5.37 -13.58
C LEU B 319 28.23 5.25 -12.21
N GLN B 320 29.56 5.27 -12.15
CA GLN B 320 30.23 5.16 -10.86
C GLN B 320 30.00 6.37 -9.96
N ARG B 321 29.37 7.43 -10.48
CA ARG B 321 29.03 8.58 -9.65
C ARG B 321 27.93 8.27 -8.65
N MET B 322 27.14 7.23 -8.89
CA MET B 322 26.03 6.87 -8.02
C MET B 322 26.39 5.85 -6.95
N ARG B 323 27.57 5.24 -7.03
CA ARG B 323 28.00 4.32 -5.99
C ARG B 323 28.05 5.03 -4.65
N GLY B 324 27.47 4.41 -3.63
CA GLY B 324 27.34 5.00 -2.31
C GLY B 324 28.64 5.49 -1.68
N LYS B 325 28.60 6.71 -1.15
CA LYS B 325 29.75 7.33 -0.49
C LYS B 325 29.51 7.43 1.00
N GLY B 326 28.86 6.43 1.58
CA GLY B 326 28.47 6.49 2.97
C GLY B 326 29.66 6.44 3.91
N TYR B 327 29.45 7.00 5.11
CA TYR B 327 30.46 7.03 6.15
C TYR B 327 30.16 6.08 7.30
N ALA B 328 29.02 5.39 7.29
CA ALA B 328 28.60 4.58 8.41
C ALA B 328 28.03 3.25 7.94
N ASN B 329 28.21 2.23 8.77
CA ASN B 329 27.59 0.92 8.57
C ASN B 329 26.86 0.51 9.85
N THR B 330 27.56 0.55 10.97
CA THR B 330 26.98 0.44 12.30
C THR B 330 27.15 1.73 13.09
N ASP B 331 27.72 2.76 12.47
CA ASP B 331 27.97 4.04 13.12
C ASP B 331 26.78 4.98 13.08
N TYR B 332 25.80 4.73 12.20
CA TYR B 332 24.66 5.62 12.05
C TYR B 332 23.76 5.66 13.27
N ARG B 333 24.02 4.83 14.29
CA ARG B 333 23.24 4.85 15.52
C ARG B 333 23.80 5.83 16.54
N GLN B 334 25.12 5.82 16.74
CA GLN B 334 25.76 6.65 17.76
C GLN B 334 26.02 8.08 17.30
N GLN B 335 25.94 8.34 16.00
CA GLN B 335 26.20 9.69 15.50
C GLN B 335 25.13 10.65 16.02
N PRO B 336 25.52 11.83 16.54
CA PRO B 336 24.52 12.78 17.05
C PRO B 336 23.56 13.28 15.98
N ARG B 337 23.94 13.21 14.71
CA ARG B 337 22.99 13.53 13.64
C ARG B 337 21.81 12.59 13.65
N TRP B 338 22.01 11.35 14.13
CA TRP B 338 20.90 10.41 14.23
C TRP B 338 19.92 10.83 15.31
N LEU B 339 20.42 11.23 16.49
CA LEU B 339 19.54 11.62 17.58
C LEU B 339 18.79 12.91 17.26
N GLU B 340 19.47 13.87 16.63
CA GLU B 340 18.81 15.12 16.28
C GLU B 340 17.74 14.90 15.23
N ALA B 341 18.06 14.11 14.19
CA ALA B 341 17.09 13.86 13.13
C ALA B 341 15.88 13.09 13.67
N LEU B 342 16.12 12.07 14.49
CA LEU B 342 15.00 11.31 15.06
C LEU B 342 14.15 12.18 15.98
N SER B 343 14.80 12.89 16.92
CA SER B 343 14.03 13.68 17.88
C SER B 343 13.24 14.78 17.19
N ALA B 344 13.84 15.47 16.24
CA ALA B 344 13.12 16.51 15.51
C ALA B 344 11.98 15.92 14.69
N LEU B 345 12.20 14.74 14.12
CA LEU B 345 11.16 14.08 13.34
C LEU B 345 10.09 13.42 14.20
N ARG B 346 10.36 13.22 15.49
CA ARG B 346 9.36 12.67 16.40
C ARG B 346 8.49 13.74 17.03
N ALA B 347 9.06 14.93 17.31
CA ALA B 347 8.25 16.02 17.81
C ALA B 347 7.22 16.48 16.79
N ALA B 348 7.55 16.41 15.50
CA ALA B 348 6.60 16.69 14.43
C ALA B 348 5.64 15.54 14.18
N GLN B 349 5.78 14.42 14.91
CA GLN B 349 4.90 13.27 14.81
C GLN B 349 4.85 12.70 13.39
N LEU B 350 5.96 12.79 12.67
CA LEU B 350 6.03 12.25 11.32
C LEU B 350 6.52 10.80 11.31
N ILE B 351 7.51 10.48 12.13
CA ILE B 351 8.07 9.13 12.19
C ILE B 351 7.85 8.56 13.58
N ASP B 352 8.36 7.35 13.80
CA ASP B 352 8.32 6.72 15.12
C ASP B 352 9.35 5.60 15.22
C8 NOK C . -12.98 -8.49 -0.67
C7 NOK C . -12.40 -7.41 0.23
O7 NOK C . -11.27 -7.54 0.71
N2 NOK C . -13.17 -6.35 0.45
C2 NOK C . -12.82 -5.19 1.29
C1 NOK C . -13.66 -3.99 0.79
N5 NOK C . -13.57 -2.83 1.67
C5 NOK C . -13.98 -3.11 3.06
C6 NOK C . -13.91 -1.80 3.85
O6 NOK C . -12.57 -1.35 3.99
C4 NOK C . -13.14 -4.27 3.66
O4 NOK C . -13.67 -4.66 4.90
C3 NOK C . -13.11 -5.53 2.76
O3 NOK C . -12.06 -6.35 3.24
C8 NOK D . 5.64 6.16 -12.58
C7 NOK D . 6.20 5.30 -11.46
O7 NOK D . 5.54 5.09 -10.44
N2 NOK D . 7.44 4.80 -11.65
C2 NOK D . 8.17 3.94 -10.72
C1 NOK D . 8.24 2.52 -11.31
N5 NOK D . 9.14 1.62 -10.58
C5 NOK D . 10.52 2.15 -10.45
C6 NOK D . 11.37 1.10 -9.72
O6 NOK D . 10.60 0.37 -8.78
C4 NOK D . 10.51 3.54 -9.75
O4 NOK D . 11.82 4.06 -9.78
C3 NOK D . 9.58 4.53 -10.48
O3 NOK D . 9.45 5.67 -9.64
#